data_1ZPW
# 
_entry.id   1ZPW 
# 
_audit_conform.dict_name       mmcif_pdbx.dic 
_audit_conform.dict_version    5.388 
_audit_conform.dict_location   http://mmcif.pdb.org/dictionaries/ascii/mmcif_pdbx.dic 
# 
loop_
_database_2.database_id 
_database_2.database_code 
_database_2.pdbx_database_accession 
_database_2.pdbx_DOI 
PDB   1ZPW         pdb_00001zpw 10.2210/pdb1zpw/pdb 
RCSB  RCSB033003   ?            ?                   
WWPDB D_1000033003 ?            ?                   
# 
loop_
_pdbx_audit_revision_history.ordinal 
_pdbx_audit_revision_history.data_content_type 
_pdbx_audit_revision_history.major_revision 
_pdbx_audit_revision_history.minor_revision 
_pdbx_audit_revision_history.revision_date 
1 'Structure model' 1 0 2005-11-18 
2 'Structure model' 1 1 2008-04-30 
3 'Structure model' 1 2 2011-07-13 
4 'Structure model' 1 3 2024-03-13 
# 
_pdbx_audit_revision_details.ordinal             1 
_pdbx_audit_revision_details.revision_ordinal    1 
_pdbx_audit_revision_details.data_content_type   'Structure model' 
_pdbx_audit_revision_details.provider            repository 
_pdbx_audit_revision_details.type                'Initial release' 
_pdbx_audit_revision_details.description         ? 
_pdbx_audit_revision_details.details             ? 
# 
loop_
_pdbx_audit_revision_group.ordinal 
_pdbx_audit_revision_group.revision_ordinal 
_pdbx_audit_revision_group.data_content_type 
_pdbx_audit_revision_group.group 
1 2 'Structure model' 'Version format compliance' 
2 3 'Structure model' 'Derived calculations'      
3 3 'Structure model' 'Version format compliance' 
4 4 'Structure model' 'Data collection'           
5 4 'Structure model' 'Database references'       
# 
loop_
_pdbx_audit_revision_category.ordinal 
_pdbx_audit_revision_category.revision_ordinal 
_pdbx_audit_revision_category.data_content_type 
_pdbx_audit_revision_category.category 
1 4 'Structure model' chem_comp_atom 
2 4 'Structure model' chem_comp_bond 
3 4 'Structure model' database_2     
# 
loop_
_pdbx_audit_revision_item.ordinal 
_pdbx_audit_revision_item.revision_ordinal 
_pdbx_audit_revision_item.data_content_type 
_pdbx_audit_revision_item.item 
1 4 'Structure model' '_database_2.pdbx_DOI'                
2 4 'Structure model' '_database_2.pdbx_database_accession' 
# 
_pdbx_database_status.status_code                     REL 
_pdbx_database_status.entry_id                        1ZPW 
_pdbx_database_status.recvd_initial_deposition_date   2005-05-18 
_pdbx_database_status.deposit_site                    RCSB 
_pdbx_database_status.process_site                    PDBJ 
_pdbx_database_status.status_code_sf                  REL 
_pdbx_database_status.status_code_mr                  ? 
_pdbx_database_status.SG_entry                        Y 
_pdbx_database_status.pdb_format_compatible           Y 
_pdbx_database_status.status_code_cs                  ? 
_pdbx_database_status.status_code_nmr_data            ? 
_pdbx_database_status.methods_development_category    ? 
# 
_pdbx_database_related.db_name        TargetDB 
_pdbx_database_related.db_id          ttk003001823.3 
_pdbx_database_related.details        . 
_pdbx_database_related.content_type   unspecified 
# 
loop_
_audit_author.name 
_audit_author.pdbx_ordinal 
Ihsanawati                                               1 
'Murayama, K.'                                           2 
'Shirouzu, M.'                                           3 
'Yokoyama, S.'                                           4 
'RIKEN Structural Genomics/Proteomics Initiative (RSGI)' 5 
# 
_citation.id                        primary 
_citation.title                     'Crystal structure of a hypothetical protein TT1823 from Thermus thermophilus' 
_citation.journal_abbrev            'To be Published' 
_citation.journal_volume            ? 
_citation.page_first                ? 
_citation.page_last                 ? 
_citation.year                      ? 
_citation.journal_id_ASTM           ? 
_citation.country                   ? 
_citation.journal_id_ISSN           ? 
_citation.journal_id_CSD            0353 
_citation.book_publisher            ? 
_citation.pdbx_database_id_PubMed   ? 
_citation.pdbx_database_id_DOI      ? 
# 
loop_
_citation_author.citation_id 
_citation_author.name 
_citation_author.ordinal 
_citation_author.identifier_ORCID 
primary Ihsanawati     1 ? 
primary 'Murayama, K.' 2 ? 
primary 'Shirouzu, M.' 3 ? 
primary 'Yokoyama, S.' 4 ? 
# 
loop_
_entity.id 
_entity.type 
_entity.src_method 
_entity.pdbx_description 
_entity.formula_weight 
_entity.pdbx_number_of_molecules 
_entity.pdbx_ec 
_entity.pdbx_mutation 
_entity.pdbx_fragment 
_entity.details 
1 polymer man 'hypothetical protein TT1823' 10399.093 1   ? ? ? ? 
2 water   nat water                         18.015    129 ? ? ? ? 
# 
_entity_poly.entity_id                      1 
_entity_poly.type                           'polypeptide(L)' 
_entity_poly.nstd_linkage                   no 
_entity_poly.nstd_monomer                   no 
_entity_poly.pdbx_seq_one_letter_code       
;MGKRLYAVAYDIPDDTRRVKLANLLKSYGERVQLSVFECYLDERLLEDLRRRARRLLDLGQDALRIYPVAGQVEVLGVGP
LPELREVQVL
;
_entity_poly.pdbx_seq_one_letter_code_can   
;MGKRLYAVAYDIPDDTRRVKLANLLKSYGERVQLSVFECYLDERLLEDLRRRARRLLDLGQDALRIYPVAGQVEVLGVGP
LPELREVQVL
;
_entity_poly.pdbx_strand_id                 X 
_entity_poly.pdbx_target_identifier         ttk003001823.3 
# 
_pdbx_entity_nonpoly.entity_id   2 
_pdbx_entity_nonpoly.name        water 
_pdbx_entity_nonpoly.comp_id     HOH 
# 
loop_
_entity_poly_seq.entity_id 
_entity_poly_seq.num 
_entity_poly_seq.mon_id 
_entity_poly_seq.hetero 
1 1  MET n 
1 2  GLY n 
1 3  LYS n 
1 4  ARG n 
1 5  LEU n 
1 6  TYR n 
1 7  ALA n 
1 8  VAL n 
1 9  ALA n 
1 10 TYR n 
1 11 ASP n 
1 12 ILE n 
1 13 PRO n 
1 14 ASP n 
1 15 ASP n 
1 16 THR n 
1 17 ARG n 
1 18 ARG n 
1 19 VAL n 
1 20 LYS n 
1 21 LEU n 
1 22 ALA n 
1 23 ASN n 
1 24 LEU n 
1 25 LEU n 
1 26 LYS n 
1 27 SER n 
1 28 TYR n 
1 29 GLY n 
1 30 GLU n 
1 31 ARG n 
1 32 VAL n 
1 33 GLN n 
1 34 LEU n 
1 35 SER n 
1 36 VAL n 
1 37 PHE n 
1 38 GLU n 
1 39 CYS n 
1 40 TYR n 
1 41 LEU n 
1 42 ASP n 
1 43 GLU n 
1 44 ARG n 
1 45 LEU n 
1 46 LEU n 
1 47 GLU n 
1 48 ASP n 
1 49 LEU n 
1 50 ARG n 
1 51 ARG n 
1 52 ARG n 
1 53 ALA n 
1 54 ARG n 
1 55 ARG n 
1 56 LEU n 
1 57 LEU n 
1 58 ASP n 
1 59 LEU n 
1 60 GLY n 
1 61 GLN n 
1 62 ASP n 
1 63 ALA n 
1 64 LEU n 
1 65 ARG n 
1 66 ILE n 
1 67 TYR n 
1 68 PRO n 
1 69 VAL n 
1 70 ALA n 
1 71 GLY n 
1 72 GLN n 
1 73 VAL n 
1 74 GLU n 
1 75 VAL n 
1 76 LEU n 
1 77 GLY n 
1 78 VAL n 
1 79 GLY n 
1 80 PRO n 
1 81 LEU n 
1 82 PRO n 
1 83 GLU n 
1 84 LEU n 
1 85 ARG n 
1 86 GLU n 
1 87 VAL n 
1 88 GLN n 
1 89 VAL n 
1 90 LEU n 
# 
_entity_src_gen.entity_id                          1 
_entity_src_gen.pdbx_src_id                        1 
_entity_src_gen.pdbx_alt_source_flag               sample 
_entity_src_gen.pdbx_seq_type                      ? 
_entity_src_gen.pdbx_beg_seq_num                   ? 
_entity_src_gen.pdbx_end_seq_num                   ? 
_entity_src_gen.gene_src_common_name               ? 
_entity_src_gen.gene_src_genus                     Thermus 
_entity_src_gen.pdbx_gene_src_gene                 ? 
_entity_src_gen.gene_src_species                   ? 
_entity_src_gen.gene_src_strain                    ? 
_entity_src_gen.gene_src_tissue                    ? 
_entity_src_gen.gene_src_tissue_fraction           ? 
_entity_src_gen.gene_src_details                   ? 
_entity_src_gen.pdbx_gene_src_fragment             ? 
_entity_src_gen.pdbx_gene_src_scientific_name      'Thermus thermophilus' 
_entity_src_gen.pdbx_gene_src_ncbi_taxonomy_id     274 
_entity_src_gen.pdbx_gene_src_variant              ? 
_entity_src_gen.pdbx_gene_src_cell_line            ? 
_entity_src_gen.pdbx_gene_src_atcc                 ? 
_entity_src_gen.pdbx_gene_src_organ                ? 
_entity_src_gen.pdbx_gene_src_organelle            ? 
_entity_src_gen.pdbx_gene_src_cell                 ? 
_entity_src_gen.pdbx_gene_src_cellular_location    ? 
_entity_src_gen.host_org_common_name               ? 
_entity_src_gen.pdbx_host_org_scientific_name      'Escherichia coli' 
_entity_src_gen.pdbx_host_org_ncbi_taxonomy_id     562 
_entity_src_gen.host_org_genus                     Escherichia 
_entity_src_gen.pdbx_host_org_gene                 ? 
_entity_src_gen.pdbx_host_org_organ                ? 
_entity_src_gen.host_org_species                   ? 
_entity_src_gen.pdbx_host_org_tissue               ? 
_entity_src_gen.pdbx_host_org_tissue_fraction      ? 
_entity_src_gen.pdbx_host_org_strain               ? 
_entity_src_gen.pdbx_host_org_variant              ? 
_entity_src_gen.pdbx_host_org_cell_line            ? 
_entity_src_gen.pdbx_host_org_atcc                 ? 
_entity_src_gen.pdbx_host_org_culture_collection   ? 
_entity_src_gen.pdbx_host_org_cell                 ? 
_entity_src_gen.pdbx_host_org_organelle            ? 
_entity_src_gen.pdbx_host_org_cellular_location    ? 
_entity_src_gen.pdbx_host_org_vector_type          ? 
_entity_src_gen.pdbx_host_org_vector               ? 
_entity_src_gen.host_org_details                   ? 
_entity_src_gen.expression_system_id               ? 
_entity_src_gen.plasmid_name                       ? 
_entity_src_gen.plasmid_details                    ? 
_entity_src_gen.pdbx_description                   ? 
# 
loop_
_chem_comp.id 
_chem_comp.type 
_chem_comp.mon_nstd_flag 
_chem_comp.name 
_chem_comp.pdbx_synonyms 
_chem_comp.formula 
_chem_comp.formula_weight 
ALA 'L-peptide linking' y ALANINE         ? 'C3 H7 N O2'     89.093  
ARG 'L-peptide linking' y ARGININE        ? 'C6 H15 N4 O2 1' 175.209 
ASN 'L-peptide linking' y ASPARAGINE      ? 'C4 H8 N2 O3'    132.118 
ASP 'L-peptide linking' y 'ASPARTIC ACID' ? 'C4 H7 N O4'     133.103 
CYS 'L-peptide linking' y CYSTEINE        ? 'C3 H7 N O2 S'   121.158 
GLN 'L-peptide linking' y GLUTAMINE       ? 'C5 H10 N2 O3'   146.144 
GLU 'L-peptide linking' y 'GLUTAMIC ACID' ? 'C5 H9 N O4'     147.129 
GLY 'peptide linking'   y GLYCINE         ? 'C2 H5 N O2'     75.067  
HOH non-polymer         . WATER           ? 'H2 O'           18.015  
ILE 'L-peptide linking' y ISOLEUCINE      ? 'C6 H13 N O2'    131.173 
LEU 'L-peptide linking' y LEUCINE         ? 'C6 H13 N O2'    131.173 
LYS 'L-peptide linking' y LYSINE          ? 'C6 H15 N2 O2 1' 147.195 
MET 'L-peptide linking' y METHIONINE      ? 'C5 H11 N O2 S'  149.211 
PHE 'L-peptide linking' y PHENYLALANINE   ? 'C9 H11 N O2'    165.189 
PRO 'L-peptide linking' y PROLINE         ? 'C5 H9 N O2'     115.130 
SER 'L-peptide linking' y SERINE          ? 'C3 H7 N O3'     105.093 
THR 'L-peptide linking' y THREONINE       ? 'C4 H9 N O3'     119.119 
TYR 'L-peptide linking' y TYROSINE        ? 'C9 H11 N O3'    181.189 
VAL 'L-peptide linking' y VALINE          ? 'C5 H11 N O2'    117.146 
# 
loop_
_pdbx_poly_seq_scheme.asym_id 
_pdbx_poly_seq_scheme.entity_id 
_pdbx_poly_seq_scheme.seq_id 
_pdbx_poly_seq_scheme.mon_id 
_pdbx_poly_seq_scheme.ndb_seq_num 
_pdbx_poly_seq_scheme.pdb_seq_num 
_pdbx_poly_seq_scheme.auth_seq_num 
_pdbx_poly_seq_scheme.pdb_mon_id 
_pdbx_poly_seq_scheme.auth_mon_id 
_pdbx_poly_seq_scheme.pdb_strand_id 
_pdbx_poly_seq_scheme.pdb_ins_code 
_pdbx_poly_seq_scheme.hetero 
A 1 1  MET 1  1  ?  ?   ?   X . n 
A 1 2  GLY 2  2  2  GLY GLY X . n 
A 1 3  LYS 3  3  3  LYS LYS X . n 
A 1 4  ARG 4  4  4  ARG ARG X . n 
A 1 5  LEU 5  5  5  LEU LEU X . n 
A 1 6  TYR 6  6  6  TYR TYR X . n 
A 1 7  ALA 7  7  7  ALA ALA X . n 
A 1 8  VAL 8  8  8  VAL VAL X . n 
A 1 9  ALA 9  9  9  ALA ALA X . n 
A 1 10 TYR 10 10 10 TYR TYR X . n 
A 1 11 ASP 11 11 11 ASP ASP X . n 
A 1 12 ILE 12 12 12 ILE ILE X . n 
A 1 13 PRO 13 13 13 PRO PRO X . n 
A 1 14 ASP 14 14 14 ASP ASP X . n 
A 1 15 ASP 15 15 15 ASP ASP X . n 
A 1 16 THR 16 16 16 THR THR X . n 
A 1 17 ARG 17 17 17 ARG ARG X . n 
A 1 18 ARG 18 18 18 ARG ARG X . n 
A 1 19 VAL 19 19 19 VAL VAL X . n 
A 1 20 LYS 20 20 20 LYS LYS X . n 
A 1 21 LEU 21 21 21 LEU LEU X . n 
A 1 22 ALA 22 22 22 ALA ALA X . n 
A 1 23 ASN 23 23 23 ASN ASN X . n 
A 1 24 LEU 24 24 24 LEU LEU X . n 
A 1 25 LEU 25 25 25 LEU LEU X . n 
A 1 26 LYS 26 26 26 LYS LYS X . n 
A 1 27 SER 27 27 27 SER SER X . n 
A 1 28 TYR 28 28 28 TYR TYR X . n 
A 1 29 GLY 29 29 29 GLY GLY X . n 
A 1 30 GLU 30 30 30 GLU GLU X . n 
A 1 31 ARG 31 31 31 ARG ARG X . n 
A 1 32 VAL 32 32 32 VAL VAL X . n 
A 1 33 GLN 33 33 33 GLN GLN X . n 
A 1 34 LEU 34 34 34 LEU LEU X . n 
A 1 35 SER 35 35 35 SER SER X . n 
A 1 36 VAL 36 36 36 VAL VAL X . n 
A 1 37 PHE 37 37 37 PHE PHE X . n 
A 1 38 GLU 38 38 38 GLU GLU X . n 
A 1 39 CYS 39 39 39 CYS CYS X . n 
A 1 40 TYR 40 40 40 TYR TYR X . n 
A 1 41 LEU 41 41 41 LEU LEU X . n 
A 1 42 ASP 42 42 42 ASP ASP X . n 
A 1 43 GLU 43 43 43 GLU GLU X . n 
A 1 44 ARG 44 44 44 ARG ARG X . n 
A 1 45 LEU 45 45 45 LEU LEU X . n 
A 1 46 LEU 46 46 46 LEU LEU X . n 
A 1 47 GLU 47 47 47 GLU GLU X . n 
A 1 48 ASP 48 48 48 ASP ASP X . n 
A 1 49 LEU 49 49 49 LEU LEU X . n 
A 1 50 ARG 50 50 50 ARG ARG X . n 
A 1 51 ARG 51 51 51 ARG ARG X . n 
A 1 52 ARG 52 52 52 ARG ARG X . n 
A 1 53 ALA 53 53 53 ALA ALA X . n 
A 1 54 ARG 54 54 54 ARG ARG X . n 
A 1 55 ARG 55 55 55 ARG ARG X . n 
A 1 56 LEU 56 56 56 LEU LEU X . n 
A 1 57 LEU 57 57 57 LEU LEU X . n 
A 1 58 ASP 58 58 58 ASP ASP X . n 
A 1 59 LEU 59 59 59 LEU LEU X . n 
A 1 60 GLY 60 60 60 GLY GLY X . n 
A 1 61 GLN 61 61 61 GLN GLN X . n 
A 1 62 ASP 62 62 62 ASP ASP X . n 
A 1 63 ALA 63 63 63 ALA ALA X . n 
A 1 64 LEU 64 64 64 LEU LEU X . n 
A 1 65 ARG 65 65 65 ARG ARG X . n 
A 1 66 ILE 66 66 66 ILE ILE X . n 
A 1 67 TYR 67 67 67 TYR TYR X . n 
A 1 68 PRO 68 68 68 PRO PRO X . n 
A 1 69 VAL 69 69 69 VAL VAL X . n 
A 1 70 ALA 70 70 70 ALA ALA X . n 
A 1 71 GLY 71 71 71 GLY GLY X . n 
A 1 72 GLN 72 72 72 GLN GLN X . n 
A 1 73 VAL 73 73 73 VAL VAL X . n 
A 1 74 GLU 74 74 74 GLU GLU X . n 
A 1 75 VAL 75 75 75 VAL VAL X . n 
A 1 76 LEU 76 76 76 LEU LEU X . n 
A 1 77 GLY 77 77 77 GLY GLY X . n 
A 1 78 VAL 78 78 78 VAL VAL X . n 
A 1 79 GLY 79 79 79 GLY GLY X . n 
A 1 80 PRO 80 80 80 PRO PRO X . n 
A 1 81 LEU 81 81 81 LEU LEU X . n 
A 1 82 PRO 82 82 82 PRO PRO X . n 
A 1 83 GLU 83 83 83 GLU GLU X . n 
A 1 84 LEU 84 84 ?  ?   ?   X . n 
A 1 85 ARG 85 85 ?  ?   ?   X . n 
A 1 86 GLU 86 86 ?  ?   ?   X . n 
A 1 87 VAL 87 87 ?  ?   ?   X . n 
A 1 88 GLN 88 88 ?  ?   ?   X . n 
A 1 89 VAL 89 89 ?  ?   ?   X . n 
A 1 90 LEU 90 90 ?  ?   ?   X . n 
# 
loop_
_pdbx_nonpoly_scheme.asym_id 
_pdbx_nonpoly_scheme.entity_id 
_pdbx_nonpoly_scheme.mon_id 
_pdbx_nonpoly_scheme.ndb_seq_num 
_pdbx_nonpoly_scheme.pdb_seq_num 
_pdbx_nonpoly_scheme.auth_seq_num 
_pdbx_nonpoly_scheme.pdb_mon_id 
_pdbx_nonpoly_scheme.auth_mon_id 
_pdbx_nonpoly_scheme.pdb_strand_id 
_pdbx_nonpoly_scheme.pdb_ins_code 
B 2 HOH 1   91  1   HOH HOH X . 
B 2 HOH 2   92  2   HOH HOH X . 
B 2 HOH 3   93  3   HOH HOH X . 
B 2 HOH 4   94  4   HOH HOH X . 
B 2 HOH 5   95  5   HOH HOH X . 
B 2 HOH 6   96  6   HOH HOH X . 
B 2 HOH 7   97  7   HOH HOH X . 
B 2 HOH 8   98  8   HOH HOH X . 
B 2 HOH 9   99  9   HOH HOH X . 
B 2 HOH 10  100 10  HOH HOH X . 
B 2 HOH 11  101 11  HOH HOH X . 
B 2 HOH 12  102 12  HOH HOH X . 
B 2 HOH 13  103 13  HOH HOH X . 
B 2 HOH 14  104 14  HOH HOH X . 
B 2 HOH 15  105 15  HOH HOH X . 
B 2 HOH 16  106 16  HOH HOH X . 
B 2 HOH 17  107 17  HOH HOH X . 
B 2 HOH 18  108 18  HOH HOH X . 
B 2 HOH 19  109 19  HOH HOH X . 
B 2 HOH 20  110 20  HOH HOH X . 
B 2 HOH 21  111 21  HOH HOH X . 
B 2 HOH 22  112 22  HOH HOH X . 
B 2 HOH 23  113 23  HOH HOH X . 
B 2 HOH 24  114 24  HOH HOH X . 
B 2 HOH 25  115 25  HOH HOH X . 
B 2 HOH 26  116 26  HOH HOH X . 
B 2 HOH 27  117 27  HOH HOH X . 
B 2 HOH 28  118 28  HOH HOH X . 
B 2 HOH 29  119 29  HOH HOH X . 
B 2 HOH 30  120 30  HOH HOH X . 
B 2 HOH 31  121 31  HOH HOH X . 
B 2 HOH 32  122 32  HOH HOH X . 
B 2 HOH 33  123 33  HOH HOH X . 
B 2 HOH 34  124 34  HOH HOH X . 
B 2 HOH 35  125 35  HOH HOH X . 
B 2 HOH 36  126 36  HOH HOH X . 
B 2 HOH 37  127 37  HOH HOH X . 
B 2 HOH 38  128 38  HOH HOH X . 
B 2 HOH 39  129 39  HOH HOH X . 
B 2 HOH 40  130 40  HOH HOH X . 
B 2 HOH 41  131 41  HOH HOH X . 
B 2 HOH 42  132 42  HOH HOH X . 
B 2 HOH 43  133 43  HOH HOH X . 
B 2 HOH 44  134 44  HOH HOH X . 
B 2 HOH 45  135 45  HOH HOH X . 
B 2 HOH 46  136 46  HOH HOH X . 
B 2 HOH 47  137 47  HOH HOH X . 
B 2 HOH 48  138 48  HOH HOH X . 
B 2 HOH 49  139 49  HOH HOH X . 
B 2 HOH 50  140 50  HOH HOH X . 
B 2 HOH 51  141 51  HOH HOH X . 
B 2 HOH 52  142 52  HOH HOH X . 
B 2 HOH 53  143 53  HOH HOH X . 
B 2 HOH 54  144 54  HOH HOH X . 
B 2 HOH 55  145 55  HOH HOH X . 
B 2 HOH 56  146 56  HOH HOH X . 
B 2 HOH 57  147 57  HOH HOH X . 
B 2 HOH 58  148 58  HOH HOH X . 
B 2 HOH 59  149 59  HOH HOH X . 
B 2 HOH 60  150 60  HOH HOH X . 
B 2 HOH 61  151 61  HOH HOH X . 
B 2 HOH 62  152 62  HOH HOH X . 
B 2 HOH 63  153 63  HOH HOH X . 
B 2 HOH 64  154 64  HOH HOH X . 
B 2 HOH 65  155 65  HOH HOH X . 
B 2 HOH 66  156 66  HOH HOH X . 
B 2 HOH 67  157 67  HOH HOH X . 
B 2 HOH 68  158 68  HOH HOH X . 
B 2 HOH 69  159 69  HOH HOH X . 
B 2 HOH 70  160 70  HOH HOH X . 
B 2 HOH 71  161 71  HOH HOH X . 
B 2 HOH 72  162 72  HOH HOH X . 
B 2 HOH 73  163 73  HOH HOH X . 
B 2 HOH 74  164 74  HOH HOH X . 
B 2 HOH 75  165 75  HOH HOH X . 
B 2 HOH 76  166 76  HOH HOH X . 
B 2 HOH 77  167 77  HOH HOH X . 
B 2 HOH 78  168 78  HOH HOH X . 
B 2 HOH 79  169 79  HOH HOH X . 
B 2 HOH 80  170 80  HOH HOH X . 
B 2 HOH 81  171 81  HOH HOH X . 
B 2 HOH 82  172 82  HOH HOH X . 
B 2 HOH 83  173 83  HOH HOH X . 
B 2 HOH 84  174 84  HOH HOH X . 
B 2 HOH 85  175 85  HOH HOH X . 
B 2 HOH 86  176 86  HOH HOH X . 
B 2 HOH 87  177 87  HOH HOH X . 
B 2 HOH 88  178 88  HOH HOH X . 
B 2 HOH 89  179 89  HOH HOH X . 
B 2 HOH 90  180 90  HOH HOH X . 
B 2 HOH 91  181 91  HOH HOH X . 
B 2 HOH 92  182 92  HOH HOH X . 
B 2 HOH 93  183 93  HOH HOH X . 
B 2 HOH 94  184 94  HOH HOH X . 
B 2 HOH 95  185 95  HOH HOH X . 
B 2 HOH 96  186 96  HOH HOH X . 
B 2 HOH 97  187 97  HOH HOH X . 
B 2 HOH 98  188 98  HOH HOH X . 
B 2 HOH 99  189 99  HOH HOH X . 
B 2 HOH 100 190 100 HOH HOH X . 
B 2 HOH 101 191 101 HOH HOH X . 
B 2 HOH 102 192 102 HOH HOH X . 
B 2 HOH 103 193 103 HOH HOH X . 
B 2 HOH 104 194 104 HOH HOH X . 
B 2 HOH 105 195 105 HOH HOH X . 
B 2 HOH 106 196 106 HOH HOH X . 
B 2 HOH 107 197 107 HOH HOH X . 
B 2 HOH 108 198 108 HOH HOH X . 
B 2 HOH 109 199 109 HOH HOH X . 
B 2 HOH 110 200 110 HOH HOH X . 
B 2 HOH 111 201 111 HOH HOH X . 
B 2 HOH 112 202 112 HOH HOH X . 
B 2 HOH 113 203 113 HOH HOH X . 
B 2 HOH 114 204 114 HOH HOH X . 
B 2 HOH 115 205 115 HOH HOH X . 
B 2 HOH 116 206 116 HOH HOH X . 
B 2 HOH 117 207 117 HOH HOH X . 
B 2 HOH 118 208 118 HOH HOH X . 
B 2 HOH 119 209 119 HOH HOH X . 
B 2 HOH 120 210 120 HOH HOH X . 
B 2 HOH 121 211 121 HOH HOH X . 
B 2 HOH 122 212 122 HOH HOH X . 
B 2 HOH 123 213 123 HOH HOH X . 
B 2 HOH 124 214 125 HOH HOH X . 
B 2 HOH 125 215 126 HOH HOH X . 
B 2 HOH 126 216 127 HOH HOH X . 
B 2 HOH 127 217 128 HOH HOH X . 
B 2 HOH 128 218 129 HOH HOH X . 
B 2 HOH 129 219 130 HOH HOH X . 
# 
loop_
_software.name 
_software.classification 
_software.version 
_software.citation_id 
_software.pdbx_ordinal 
REFMAC    refinement       5.1.24 ? 1 
HKL-2000  'data reduction' .      ? 2 
SCALEPACK 'data scaling'   .      ? 3 
SOLVE     phasing          .      ? 4 
MOLREP    phasing          .      ? 5 
# 
_cell.entry_id           1ZPW 
_cell.length_a           44.234 
_cell.length_b           55.964 
_cell.length_c           74.937 
_cell.angle_alpha        90.00 
_cell.angle_beta         90.00 
_cell.angle_gamma        90.00 
_cell.Z_PDB              8 
_cell.pdbx_unique_axis   ? 
# 
_symmetry.entry_id                         1ZPW 
_symmetry.space_group_name_H-M             'I 2 2 2' 
_symmetry.pdbx_full_space_group_name_H-M   ? 
_symmetry.cell_setting                     ? 
_symmetry.Int_Tables_number                23 
_symmetry.space_group_name_Hall            ? 
# 
_exptl.entry_id          1ZPW 
_exptl.method            'X-RAY DIFFRACTION' 
_exptl.crystals_number   2 
# 
loop_
_exptl_crystal.id 
_exptl_crystal.density_meas 
_exptl_crystal.density_Matthews 
_exptl_crystal.density_percent_sol 
_exptl_crystal.description 
_exptl_crystal.F_000 
_exptl_crystal.preparation 
1 ? 2.2 44.4 ? ? ? 
2 ? ?   ?    ? ? ? 
# 
loop_
_exptl_crystal_grow.crystal_id 
_exptl_crystal_grow.method 
_exptl_crystal_grow.temp 
_exptl_crystal_grow.temp_details 
_exptl_crystal_grow.pH 
_exptl_crystal_grow.pdbx_details 
_exptl_crystal_grow.pdbx_pH_range 
1 'VAPOR DIFFUSION, HANGING DROP' 293 ? 7.6 
'22% PEG 3350, 0.1M TrisCl pH 7.6, 0.2M NaF, VAPOR DIFFUSION, HANGING DROP, temperature 293K' . 
2 'VAPOR DIFFUSION, HANGING DROP' 293 ? 7.6 
'18% PEG 3350, 0.1M TrisCl pH 7.6, 0.2M NaF, VAPOR DIFFUSION, HANGING DROP, temperature 293K' . 
# 
loop_
_diffrn.id 
_diffrn.ambient_temp 
_diffrn.ambient_temp_details 
_diffrn.crystal_id 
1   100 ? 1 
2   100 ? 1 
1,2 ?   ? 1 
# 
loop_
_diffrn_detector.diffrn_id 
_diffrn_detector.detector 
_diffrn_detector.type 
_diffrn_detector.pdbx_collection_date 
_diffrn_detector.details 
1 CCD 'RIGAKU JUPITER 210' 2004-11-05 ? 
2 CCD 'ADSC QUANTUM 4'     2005-04-11 ? 
# 
loop_
_diffrn_radiation.diffrn_id 
_diffrn_radiation.wavelength_id 
_diffrn_radiation.pdbx_monochromatic_or_laue_m_l 
_diffrn_radiation.monochromator 
_diffrn_radiation.pdbx_diffrn_protocol 
_diffrn_radiation.pdbx_scattering_type 
1 1 M ? 'SINGLE WAVELENGTH' x-ray 
2 1 M ? MAD                 x-ray 
# 
loop_
_diffrn_radiation_wavelength.id 
_diffrn_radiation_wavelength.wavelength 
_diffrn_radiation_wavelength.wt 
1 1       1.0 
2 0.97908 1.0 
3 0.97971 1.0 
4 0.98359 1.0 
# 
loop_
_diffrn_source.diffrn_id 
_diffrn_source.source 
_diffrn_source.type 
_diffrn_source.pdbx_synchrotron_site 
_diffrn_source.pdbx_synchrotron_beamline 
_diffrn_source.pdbx_wavelength 
_diffrn_source.pdbx_wavelength_list 
1 SYNCHROTRON 'SPRING-8 BEAMLINE BL26B1'         SPring-8         BL26B1   ? 1                           
2 SYNCHROTRON 'PHOTON FACTORY BEAMLINE AR-NW12A' 'Photon Factory' AR-NW12A ? '0.97908, 0.97971, 0.98359' 
# 
_reflns.entry_id                     1ZPW 
_reflns.observed_criterion_sigma_F   ? 
_reflns.observed_criterion_sigma_I   18.69 
_reflns.d_resolution_high            1.64 
_reflns.d_resolution_low             50 
_reflns.number_all                   11711 
_reflns.number_obs                   11711 
_reflns.percent_possible_obs         99.8 
_reflns.pdbx_Rmerge_I_obs            ? 
_reflns.pdbx_Rsym_value              ? 
_reflns.pdbx_netI_over_sigmaI        ? 
_reflns.B_iso_Wilson_estimate        ? 
_reflns.pdbx_redundancy              ? 
_reflns.R_free_details               ? 
_reflns.limit_h_max                  ? 
_reflns.limit_h_min                  ? 
_reflns.limit_k_max                  ? 
_reflns.limit_k_min                  ? 
_reflns.limit_l_max                  ? 
_reflns.limit_l_min                  ? 
_reflns.observed_criterion_F_max     ? 
_reflns.observed_criterion_F_min     ? 
_reflns.pdbx_chi_squared             ? 
_reflns.pdbx_scaling_rejects         ? 
_reflns.pdbx_ordinal                 1 
_reflns.pdbx_diffrn_id               1,2 
# 
_reflns_shell.d_res_high             1.64 
_reflns_shell.d_res_low              1.70 
_reflns_shell.percent_possible_all   99.7 
_reflns_shell.Rmerge_I_obs           ? 
_reflns_shell.pdbx_Rsym_value        ? 
_reflns_shell.meanI_over_sigI_obs    ? 
_reflns_shell.pdbx_redundancy        ? 
_reflns_shell.percent_possible_obs   ? 
_reflns_shell.number_unique_all      ? 
_reflns_shell.number_measured_all    ? 
_reflns_shell.number_measured_obs    ? 
_reflns_shell.number_unique_obs      ? 
_reflns_shell.pdbx_chi_squared       ? 
_reflns_shell.pdbx_ordinal           1 
_reflns_shell.pdbx_diffrn_id         1,2 
# 
_refine.entry_id                                 1ZPW 
_refine.ls_number_reflns_obs                     11156 
_refine.ls_number_reflns_all                     11711 
_refine.pdbx_ls_sigma_I                          ? 
_refine.pdbx_ls_sigma_F                          ? 
_refine.pdbx_data_cutoff_high_absF               ? 
_refine.pdbx_data_cutoff_low_absF                ? 
_refine.pdbx_data_cutoff_high_rms_absF           ? 
_refine.ls_d_res_low                             25.46 
_refine.ls_d_res_high                            1.64 
_refine.ls_percent_reflns_obs                    99.80 
_refine.ls_R_factor_obs                          0.18595 
_refine.ls_R_factor_all                          0.18595 
_refine.ls_R_factor_R_work                       0.18455 
_refine.ls_R_factor_R_free                       0.21259 
_refine.ls_R_factor_R_free_error                 ? 
_refine.ls_R_factor_R_free_error_details         ? 
_refine.ls_percent_reflns_R_free                 4.7 
_refine.ls_number_reflns_R_free                  555 
_refine.ls_number_parameters                     ? 
_refine.ls_number_restraints                     ? 
_refine.occupancy_min                            ? 
_refine.occupancy_max                            ? 
_refine.correlation_coeff_Fo_to_Fc               0.958 
_refine.correlation_coeff_Fo_to_Fc_free          0.950 
_refine.B_iso_mean                               21.153 
_refine.aniso_B[1][1]                            -0.02 
_refine.aniso_B[2][2]                            -0.39 
_refine.aniso_B[3][3]                            0.41 
_refine.aniso_B[1][2]                            0.00 
_refine.aniso_B[1][3]                            0.00 
_refine.aniso_B[2][3]                            0.00 
_refine.solvent_model_details                    'BABINET MODEL WITH MASK' 
_refine.solvent_model_param_ksol                 ? 
_refine.solvent_model_param_bsol                 ? 
_refine.pdbx_solvent_vdw_probe_radii             1.40 
_refine.pdbx_solvent_ion_probe_radii             0.80 
_refine.pdbx_solvent_shrinkage_radii             0.80 
_refine.pdbx_ls_cross_valid_method               THROUGHOUT 
_refine.details                                  ? 
_refine.pdbx_starting_model                      ? 
_refine.pdbx_method_to_determine_struct          'MR, MAD' 
_refine.pdbx_isotropic_thermal_model             ? 
_refine.pdbx_stereochemistry_target_values       'MAXIMUM LIKELIHOOD' 
_refine.pdbx_stereochem_target_val_spec_case     ? 
_refine.pdbx_R_Free_selection_details            RANDOM 
_refine.pdbx_overall_ESU_R                       0.098 
_refine.pdbx_overall_ESU_R_Free                  0.095 
_refine.overall_SU_ML                            0.057 
_refine.overall_SU_B                             1.635 
_refine.ls_redundancy_reflns_obs                 ? 
_refine.B_iso_min                                ? 
_refine.B_iso_max                                ? 
_refine.overall_SU_R_Cruickshank_DPI             ? 
_refine.overall_SU_R_free                        ? 
_refine.ls_wR_factor_R_free                      ? 
_refine.ls_wR_factor_R_work                      ? 
_refine.overall_FOM_free_R_set                   ? 
_refine.overall_FOM_work_R_set                   ? 
_refine.pdbx_refine_id                           'X-RAY DIFFRACTION' 
_refine.pdbx_diffrn_id                           1 
_refine.pdbx_TLS_residual_ADP_flag               ? 
_refine.pdbx_overall_phase_error                 ? 
_refine.pdbx_overall_SU_R_free_Cruickshank_DPI   ? 
_refine.pdbx_overall_SU_R_Blow_DPI               ? 
_refine.pdbx_overall_SU_R_free_Blow_DPI          ? 
# 
_refine_hist.pdbx_refine_id                   'X-RAY DIFFRACTION' 
_refine_hist.cycle_id                         LAST 
_refine_hist.pdbx_number_atoms_protein        663 
_refine_hist.pdbx_number_atoms_nucleic_acid   0 
_refine_hist.pdbx_number_atoms_ligand         0 
_refine_hist.number_atoms_solvent             129 
_refine_hist.number_atoms_total               792 
_refine_hist.d_res_high                       1.64 
_refine_hist.d_res_low                        25.46 
# 
loop_
_refine_ls_restr.type 
_refine_ls_restr.dev_ideal 
_refine_ls_restr.dev_ideal_target 
_refine_ls_restr.weight 
_refine_ls_restr.number 
_refine_ls_restr.pdbx_refine_id 
_refine_ls_restr.pdbx_restraint_function 
r_bond_refined_d         0.014 0.021 ? 684 'X-RAY DIFFRACTION' ? 
r_angle_refined_deg      1.587 2.011 ? 923 'X-RAY DIFFRACTION' ? 
r_dihedral_angle_1_deg   6.698 5.000 ? 81  'X-RAY DIFFRACTION' ? 
r_chiral_restr           0.118 0.200 ? 104 'X-RAY DIFFRACTION' ? 
r_gen_planes_refined     0.007 0.020 ? 519 'X-RAY DIFFRACTION' ? 
r_nbd_refined            0.222 0.200 ? 277 'X-RAY DIFFRACTION' ? 
r_xyhbond_nbd_refined    0.169 0.200 ? 91  'X-RAY DIFFRACTION' ? 
r_symmetry_vdw_refined   0.216 0.200 ? 47  'X-RAY DIFFRACTION' ? 
r_symmetry_hbond_refined 0.133 0.200 ? 18  'X-RAY DIFFRACTION' ? 
r_mcbond_it              1.022 1.500 ? 408 'X-RAY DIFFRACTION' ? 
r_mcangle_it             1.833 2.000 ? 657 'X-RAY DIFFRACTION' ? 
r_scbond_it              2.790 3.000 ? 276 'X-RAY DIFFRACTION' ? 
r_scangle_it             4.458 4.500 ? 266 'X-RAY DIFFRACTION' ? 
# 
_refine_ls_shell.pdbx_total_number_of_bins_used   20 
_refine_ls_shell.d_res_high                       1.641 
_refine_ls_shell.d_res_low                        1.684 
_refine_ls_shell.number_reflns_R_work             817 
_refine_ls_shell.R_factor_R_work                  0.229 
_refine_ls_shell.percent_reflns_obs               ? 
_refine_ls_shell.R_factor_R_free                  0.248 
_refine_ls_shell.R_factor_R_free_error            ? 
_refine_ls_shell.percent_reflns_R_free            ? 
_refine_ls_shell.number_reflns_R_free             36 
_refine_ls_shell.number_reflns_obs                ? 
_refine_ls_shell.redundancy_reflns_obs            ? 
_refine_ls_shell.number_reflns_all                ? 
_refine_ls_shell.R_factor_all                     ? 
_refine_ls_shell.pdbx_refine_id                   'X-RAY DIFFRACTION' 
# 
_struct.entry_id                  1ZPW 
_struct.title                     'Crystal structure of a hypothetical protein TT1823 from Thermus thermophilus' 
_struct.pdbx_model_details        ? 
_struct.pdbx_CASP_flag            ? 
_struct.pdbx_model_type_details   ? 
# 
_struct_keywords.entry_id        1ZPW 
_struct_keywords.pdbx_keywords   'STRUCTURAL GENOMICS, UNKNOWN FUNCTION' 
_struct_keywords.text            
;hyphotetical protein, Thermus thermophilus, Structural Genomics, NPPSFA, National Project on Protein Structural and Functional Analyses, RIKEN Structural Genomics/Proteomics Initiative, RSGI, UNKNOWN FUNCTION
;
# 
loop_
_struct_asym.id 
_struct_asym.pdbx_blank_PDB_chainid_flag 
_struct_asym.pdbx_modified 
_struct_asym.entity_id 
_struct_asym.details 
A N N 1 ? 
B N N 2 ? 
# 
_struct_ref.id                         1 
_struct_ref.entity_id                  1 
_struct_ref.db_name                    UNP 
_struct_ref.db_code                    Q746F4_THET2 
_struct_ref.pdbx_db_accession          Q746F4 
_struct_ref.pdbx_db_isoform            ? 
_struct_ref.pdbx_seq_one_letter_code   ? 
_struct_ref.pdbx_align_begin           ? 
# 
_struct_ref_seq.align_id                      1 
_struct_ref_seq.ref_id                        1 
_struct_ref_seq.pdbx_PDB_id_code              1ZPW 
_struct_ref_seq.pdbx_strand_id                X 
_struct_ref_seq.seq_align_beg                 1 
_struct_ref_seq.pdbx_seq_align_beg_ins_code   ? 
_struct_ref_seq.seq_align_end                 90 
_struct_ref_seq.pdbx_seq_align_end_ins_code   ? 
_struct_ref_seq.pdbx_db_accession             Q746F4 
_struct_ref_seq.db_align_beg                  1 
_struct_ref_seq.pdbx_db_align_beg_ins_code    ? 
_struct_ref_seq.db_align_end                  90 
_struct_ref_seq.pdbx_db_align_end_ins_code    ? 
_struct_ref_seq.pdbx_auth_seq_align_beg       1 
_struct_ref_seq.pdbx_auth_seq_align_end       90 
# 
loop_
_pdbx_struct_assembly.id 
_pdbx_struct_assembly.details 
_pdbx_struct_assembly.method_details 
_pdbx_struct_assembly.oligomeric_details 
_pdbx_struct_assembly.oligomeric_count 
1 author_defined_assembly   ?        monomeric 1 
2 software_defined_assembly PISA,PQS dimeric   2 
# 
loop_
_pdbx_struct_assembly_prop.biol_id 
_pdbx_struct_assembly_prop.type 
_pdbx_struct_assembly_prop.value 
_pdbx_struct_assembly_prop.details 
2 'ABSA (A^2)' 3130 ? 
2 MORE         -14  ? 
2 'SSA (A^2)'  8460 ? 
# 
loop_
_pdbx_struct_assembly_gen.assembly_id 
_pdbx_struct_assembly_gen.oper_expression 
_pdbx_struct_assembly_gen.asym_id_list 
1 1   A,B 
2 1,2 A,B 
# 
loop_
_pdbx_struct_oper_list.id 
_pdbx_struct_oper_list.type 
_pdbx_struct_oper_list.name 
_pdbx_struct_oper_list.symmetry_operation 
_pdbx_struct_oper_list.matrix[1][1] 
_pdbx_struct_oper_list.matrix[1][2] 
_pdbx_struct_oper_list.matrix[1][3] 
_pdbx_struct_oper_list.vector[1] 
_pdbx_struct_oper_list.matrix[2][1] 
_pdbx_struct_oper_list.matrix[2][2] 
_pdbx_struct_oper_list.matrix[2][3] 
_pdbx_struct_oper_list.vector[2] 
_pdbx_struct_oper_list.matrix[3][1] 
_pdbx_struct_oper_list.matrix[3][2] 
_pdbx_struct_oper_list.matrix[3][3] 
_pdbx_struct_oper_list.vector[3] 
1 'identity operation'         1_555 x,y,z     1.0000000000  0.0000000000 0.0000000000  0.0000000000 0.0000000000 1.0000000000  0.0000000000  0.0000000000  0.0000000000  0.0000000000  1.0000000000 0.0000000000 
2 'crystal symmetry operation' 2_655 -x+1,-y,z -0.7281631863 0.0457910490 -0.6838724691 3.7383661022 0.0457910490 -0.9922864746 -0.1151986640 15.7557087735 -0.6838724691 -0.1151986640 0.7204496609 2.5409649333 
# 
_struct_biol.id   1 
# 
loop_
_struct_conf.conf_type_id 
_struct_conf.id 
_struct_conf.pdbx_PDB_helix_id 
_struct_conf.beg_label_comp_id 
_struct_conf.beg_label_asym_id 
_struct_conf.beg_label_seq_id 
_struct_conf.pdbx_beg_PDB_ins_code 
_struct_conf.end_label_comp_id 
_struct_conf.end_label_asym_id 
_struct_conf.end_label_seq_id 
_struct_conf.pdbx_end_PDB_ins_code 
_struct_conf.beg_auth_comp_id 
_struct_conf.beg_auth_asym_id 
_struct_conf.beg_auth_seq_id 
_struct_conf.end_auth_comp_id 
_struct_conf.end_auth_asym_id 
_struct_conf.end_auth_seq_id 
_struct_conf.pdbx_PDB_helix_class 
_struct_conf.details 
_struct_conf.pdbx_PDB_helix_length 
HELX_P HELX_P1 1 ASP A 14 ? SER A 27 ? ASP X 14 SER X 27 1 ? 14 
HELX_P HELX_P2 2 ASP A 42 ? LEU A 57 ? ASP X 42 LEU X 57 1 ? 16 
# 
_struct_conf_type.id          HELX_P 
_struct_conf_type.criteria    ? 
_struct_conf_type.reference   ? 
# 
_struct_sheet.id               A 
_struct_sheet.type             ? 
_struct_sheet.number_strands   4 
_struct_sheet.details          ? 
# 
loop_
_struct_sheet_order.sheet_id 
_struct_sheet_order.range_id_1 
_struct_sheet_order.range_id_2 
_struct_sheet_order.offset 
_struct_sheet_order.sense 
A 1 2 ? anti-parallel 
A 2 3 ? anti-parallel 
A 3 4 ? anti-parallel 
# 
loop_
_struct_sheet_range.sheet_id 
_struct_sheet_range.id 
_struct_sheet_range.beg_label_comp_id 
_struct_sheet_range.beg_label_asym_id 
_struct_sheet_range.beg_label_seq_id 
_struct_sheet_range.pdbx_beg_PDB_ins_code 
_struct_sheet_range.end_label_comp_id 
_struct_sheet_range.end_label_asym_id 
_struct_sheet_range.end_label_seq_id 
_struct_sheet_range.pdbx_end_PDB_ins_code 
_struct_sheet_range.beg_auth_comp_id 
_struct_sheet_range.beg_auth_asym_id 
_struct_sheet_range.beg_auth_seq_id 
_struct_sheet_range.end_auth_comp_id 
_struct_sheet_range.end_auth_asym_id 
_struct_sheet_range.end_auth_seq_id 
A 1 GLY A 29 ? GLN A 33 ? GLY X 29 GLN X 33 
A 2 VAL A 36 ? LEU A 41 ? VAL X 36 LEU X 41 
A 3 ARG A 4  ? ASP A 11 ? ARG X 4  ASP X 11 
A 4 ALA A 63 ? PRO A 68 ? ALA X 63 PRO X 68 
# 
loop_
_pdbx_struct_sheet_hbond.sheet_id 
_pdbx_struct_sheet_hbond.range_id_1 
_pdbx_struct_sheet_hbond.range_id_2 
_pdbx_struct_sheet_hbond.range_1_label_atom_id 
_pdbx_struct_sheet_hbond.range_1_label_comp_id 
_pdbx_struct_sheet_hbond.range_1_label_asym_id 
_pdbx_struct_sheet_hbond.range_1_label_seq_id 
_pdbx_struct_sheet_hbond.range_1_PDB_ins_code 
_pdbx_struct_sheet_hbond.range_1_auth_atom_id 
_pdbx_struct_sheet_hbond.range_1_auth_comp_id 
_pdbx_struct_sheet_hbond.range_1_auth_asym_id 
_pdbx_struct_sheet_hbond.range_1_auth_seq_id 
_pdbx_struct_sheet_hbond.range_2_label_atom_id 
_pdbx_struct_sheet_hbond.range_2_label_comp_id 
_pdbx_struct_sheet_hbond.range_2_label_asym_id 
_pdbx_struct_sheet_hbond.range_2_label_seq_id 
_pdbx_struct_sheet_hbond.range_2_PDB_ins_code 
_pdbx_struct_sheet_hbond.range_2_auth_atom_id 
_pdbx_struct_sheet_hbond.range_2_auth_comp_id 
_pdbx_struct_sheet_hbond.range_2_auth_asym_id 
_pdbx_struct_sheet_hbond.range_2_auth_seq_id 
A 1 2 N GLU A 30 ? N GLU X 30 O GLU A 38 ? O GLU X 38 
A 2 3 O PHE A 37 ? O PHE X 37 N VAL A 8  ? N VAL X 8  
A 3 4 N ALA A 9  ? N ALA X 9  O ARG A 65 ? O ARG X 65 
# 
loop_
_pdbx_validate_rmsd_angle.id 
_pdbx_validate_rmsd_angle.PDB_model_num 
_pdbx_validate_rmsd_angle.auth_atom_id_1 
_pdbx_validate_rmsd_angle.auth_asym_id_1 
_pdbx_validate_rmsd_angle.auth_comp_id_1 
_pdbx_validate_rmsd_angle.auth_seq_id_1 
_pdbx_validate_rmsd_angle.PDB_ins_code_1 
_pdbx_validate_rmsd_angle.label_alt_id_1 
_pdbx_validate_rmsd_angle.auth_atom_id_2 
_pdbx_validate_rmsd_angle.auth_asym_id_2 
_pdbx_validate_rmsd_angle.auth_comp_id_2 
_pdbx_validate_rmsd_angle.auth_seq_id_2 
_pdbx_validate_rmsd_angle.PDB_ins_code_2 
_pdbx_validate_rmsd_angle.label_alt_id_2 
_pdbx_validate_rmsd_angle.auth_atom_id_3 
_pdbx_validate_rmsd_angle.auth_asym_id_3 
_pdbx_validate_rmsd_angle.auth_comp_id_3 
_pdbx_validate_rmsd_angle.auth_seq_id_3 
_pdbx_validate_rmsd_angle.PDB_ins_code_3 
_pdbx_validate_rmsd_angle.label_alt_id_3 
_pdbx_validate_rmsd_angle.angle_value 
_pdbx_validate_rmsd_angle.angle_target_value 
_pdbx_validate_rmsd_angle.angle_deviation 
_pdbx_validate_rmsd_angle.angle_standard_deviation 
_pdbx_validate_rmsd_angle.linker_flag 
1 1 CB X ASP 14 ? ? CG X ASP 14 ? ? OD2 X ASP 14 ? ? 124.22 118.30 5.92 0.90 N 
2 1 CB X ASP 42 ? ? CG X ASP 42 ? ? OD2 X ASP 42 ? ? 124.55 118.30 6.25 0.90 N 
# 
_pdbx_SG_project.id                    1 
_pdbx_SG_project.project_name          'NPPSFA, National Project on Protein Structural and Functional Analyses' 
_pdbx_SG_project.full_name_of_center   'RIKEN Structural Genomics/Proteomics Initiative' 
_pdbx_SG_project.initial_of_center     RSGI 
# 
loop_
_pdbx_unobs_or_zero_occ_residues.id 
_pdbx_unobs_or_zero_occ_residues.PDB_model_num 
_pdbx_unobs_or_zero_occ_residues.polymer_flag 
_pdbx_unobs_or_zero_occ_residues.occupancy_flag 
_pdbx_unobs_or_zero_occ_residues.auth_asym_id 
_pdbx_unobs_or_zero_occ_residues.auth_comp_id 
_pdbx_unobs_or_zero_occ_residues.auth_seq_id 
_pdbx_unobs_or_zero_occ_residues.PDB_ins_code 
_pdbx_unobs_or_zero_occ_residues.label_asym_id 
_pdbx_unobs_or_zero_occ_residues.label_comp_id 
_pdbx_unobs_or_zero_occ_residues.label_seq_id 
1 1 Y 1 X MET 1  ? A MET 1  
2 1 Y 1 X LEU 84 ? A LEU 84 
3 1 Y 1 X ARG 85 ? A ARG 85 
4 1 Y 1 X GLU 86 ? A GLU 86 
5 1 Y 1 X VAL 87 ? A VAL 87 
6 1 Y 1 X GLN 88 ? A GLN 88 
7 1 Y 1 X VAL 89 ? A VAL 89 
8 1 Y 1 X LEU 90 ? A LEU 90 
# 
loop_
_chem_comp_atom.comp_id 
_chem_comp_atom.atom_id 
_chem_comp_atom.type_symbol 
_chem_comp_atom.pdbx_aromatic_flag 
_chem_comp_atom.pdbx_stereo_config 
_chem_comp_atom.pdbx_ordinal 
ALA N    N N N 1   
ALA CA   C N S 2   
ALA C    C N N 3   
ALA O    O N N 4   
ALA CB   C N N 5   
ALA OXT  O N N 6   
ALA H    H N N 7   
ALA H2   H N N 8   
ALA HA   H N N 9   
ALA HB1  H N N 10  
ALA HB2  H N N 11  
ALA HB3  H N N 12  
ALA HXT  H N N 13  
ARG N    N N N 14  
ARG CA   C N S 15  
ARG C    C N N 16  
ARG O    O N N 17  
ARG CB   C N N 18  
ARG CG   C N N 19  
ARG CD   C N N 20  
ARG NE   N N N 21  
ARG CZ   C N N 22  
ARG NH1  N N N 23  
ARG NH2  N N N 24  
ARG OXT  O N N 25  
ARG H    H N N 26  
ARG H2   H N N 27  
ARG HA   H N N 28  
ARG HB2  H N N 29  
ARG HB3  H N N 30  
ARG HG2  H N N 31  
ARG HG3  H N N 32  
ARG HD2  H N N 33  
ARG HD3  H N N 34  
ARG HE   H N N 35  
ARG HH11 H N N 36  
ARG HH12 H N N 37  
ARG HH21 H N N 38  
ARG HH22 H N N 39  
ARG HXT  H N N 40  
ASN N    N N N 41  
ASN CA   C N S 42  
ASN C    C N N 43  
ASN O    O N N 44  
ASN CB   C N N 45  
ASN CG   C N N 46  
ASN OD1  O N N 47  
ASN ND2  N N N 48  
ASN OXT  O N N 49  
ASN H    H N N 50  
ASN H2   H N N 51  
ASN HA   H N N 52  
ASN HB2  H N N 53  
ASN HB3  H N N 54  
ASN HD21 H N N 55  
ASN HD22 H N N 56  
ASN HXT  H N N 57  
ASP N    N N N 58  
ASP CA   C N S 59  
ASP C    C N N 60  
ASP O    O N N 61  
ASP CB   C N N 62  
ASP CG   C N N 63  
ASP OD1  O N N 64  
ASP OD2  O N N 65  
ASP OXT  O N N 66  
ASP H    H N N 67  
ASP H2   H N N 68  
ASP HA   H N N 69  
ASP HB2  H N N 70  
ASP HB3  H N N 71  
ASP HD2  H N N 72  
ASP HXT  H N N 73  
CYS N    N N N 74  
CYS CA   C N R 75  
CYS C    C N N 76  
CYS O    O N N 77  
CYS CB   C N N 78  
CYS SG   S N N 79  
CYS OXT  O N N 80  
CYS H    H N N 81  
CYS H2   H N N 82  
CYS HA   H N N 83  
CYS HB2  H N N 84  
CYS HB3  H N N 85  
CYS HG   H N N 86  
CYS HXT  H N N 87  
GLN N    N N N 88  
GLN CA   C N S 89  
GLN C    C N N 90  
GLN O    O N N 91  
GLN CB   C N N 92  
GLN CG   C N N 93  
GLN CD   C N N 94  
GLN OE1  O N N 95  
GLN NE2  N N N 96  
GLN OXT  O N N 97  
GLN H    H N N 98  
GLN H2   H N N 99  
GLN HA   H N N 100 
GLN HB2  H N N 101 
GLN HB3  H N N 102 
GLN HG2  H N N 103 
GLN HG3  H N N 104 
GLN HE21 H N N 105 
GLN HE22 H N N 106 
GLN HXT  H N N 107 
GLU N    N N N 108 
GLU CA   C N S 109 
GLU C    C N N 110 
GLU O    O N N 111 
GLU CB   C N N 112 
GLU CG   C N N 113 
GLU CD   C N N 114 
GLU OE1  O N N 115 
GLU OE2  O N N 116 
GLU OXT  O N N 117 
GLU H    H N N 118 
GLU H2   H N N 119 
GLU HA   H N N 120 
GLU HB2  H N N 121 
GLU HB3  H N N 122 
GLU HG2  H N N 123 
GLU HG3  H N N 124 
GLU HE2  H N N 125 
GLU HXT  H N N 126 
GLY N    N N N 127 
GLY CA   C N N 128 
GLY C    C N N 129 
GLY O    O N N 130 
GLY OXT  O N N 131 
GLY H    H N N 132 
GLY H2   H N N 133 
GLY HA2  H N N 134 
GLY HA3  H N N 135 
GLY HXT  H N N 136 
HOH O    O N N 137 
HOH H1   H N N 138 
HOH H2   H N N 139 
ILE N    N N N 140 
ILE CA   C N S 141 
ILE C    C N N 142 
ILE O    O N N 143 
ILE CB   C N S 144 
ILE CG1  C N N 145 
ILE CG2  C N N 146 
ILE CD1  C N N 147 
ILE OXT  O N N 148 
ILE H    H N N 149 
ILE H2   H N N 150 
ILE HA   H N N 151 
ILE HB   H N N 152 
ILE HG12 H N N 153 
ILE HG13 H N N 154 
ILE HG21 H N N 155 
ILE HG22 H N N 156 
ILE HG23 H N N 157 
ILE HD11 H N N 158 
ILE HD12 H N N 159 
ILE HD13 H N N 160 
ILE HXT  H N N 161 
LEU N    N N N 162 
LEU CA   C N S 163 
LEU C    C N N 164 
LEU O    O N N 165 
LEU CB   C N N 166 
LEU CG   C N N 167 
LEU CD1  C N N 168 
LEU CD2  C N N 169 
LEU OXT  O N N 170 
LEU H    H N N 171 
LEU H2   H N N 172 
LEU HA   H N N 173 
LEU HB2  H N N 174 
LEU HB3  H N N 175 
LEU HG   H N N 176 
LEU HD11 H N N 177 
LEU HD12 H N N 178 
LEU HD13 H N N 179 
LEU HD21 H N N 180 
LEU HD22 H N N 181 
LEU HD23 H N N 182 
LEU HXT  H N N 183 
LYS N    N N N 184 
LYS CA   C N S 185 
LYS C    C N N 186 
LYS O    O N N 187 
LYS CB   C N N 188 
LYS CG   C N N 189 
LYS CD   C N N 190 
LYS CE   C N N 191 
LYS NZ   N N N 192 
LYS OXT  O N N 193 
LYS H    H N N 194 
LYS H2   H N N 195 
LYS HA   H N N 196 
LYS HB2  H N N 197 
LYS HB3  H N N 198 
LYS HG2  H N N 199 
LYS HG3  H N N 200 
LYS HD2  H N N 201 
LYS HD3  H N N 202 
LYS HE2  H N N 203 
LYS HE3  H N N 204 
LYS HZ1  H N N 205 
LYS HZ2  H N N 206 
LYS HZ3  H N N 207 
LYS HXT  H N N 208 
MET N    N N N 209 
MET CA   C N S 210 
MET C    C N N 211 
MET O    O N N 212 
MET CB   C N N 213 
MET CG   C N N 214 
MET SD   S N N 215 
MET CE   C N N 216 
MET OXT  O N N 217 
MET H    H N N 218 
MET H2   H N N 219 
MET HA   H N N 220 
MET HB2  H N N 221 
MET HB3  H N N 222 
MET HG2  H N N 223 
MET HG3  H N N 224 
MET HE1  H N N 225 
MET HE2  H N N 226 
MET HE3  H N N 227 
MET HXT  H N N 228 
PHE N    N N N 229 
PHE CA   C N S 230 
PHE C    C N N 231 
PHE O    O N N 232 
PHE CB   C N N 233 
PHE CG   C Y N 234 
PHE CD1  C Y N 235 
PHE CD2  C Y N 236 
PHE CE1  C Y N 237 
PHE CE2  C Y N 238 
PHE CZ   C Y N 239 
PHE OXT  O N N 240 
PHE H    H N N 241 
PHE H2   H N N 242 
PHE HA   H N N 243 
PHE HB2  H N N 244 
PHE HB3  H N N 245 
PHE HD1  H N N 246 
PHE HD2  H N N 247 
PHE HE1  H N N 248 
PHE HE2  H N N 249 
PHE HZ   H N N 250 
PHE HXT  H N N 251 
PRO N    N N N 252 
PRO CA   C N S 253 
PRO C    C N N 254 
PRO O    O N N 255 
PRO CB   C N N 256 
PRO CG   C N N 257 
PRO CD   C N N 258 
PRO OXT  O N N 259 
PRO H    H N N 260 
PRO HA   H N N 261 
PRO HB2  H N N 262 
PRO HB3  H N N 263 
PRO HG2  H N N 264 
PRO HG3  H N N 265 
PRO HD2  H N N 266 
PRO HD3  H N N 267 
PRO HXT  H N N 268 
SER N    N N N 269 
SER CA   C N S 270 
SER C    C N N 271 
SER O    O N N 272 
SER CB   C N N 273 
SER OG   O N N 274 
SER OXT  O N N 275 
SER H    H N N 276 
SER H2   H N N 277 
SER HA   H N N 278 
SER HB2  H N N 279 
SER HB3  H N N 280 
SER HG   H N N 281 
SER HXT  H N N 282 
THR N    N N N 283 
THR CA   C N S 284 
THR C    C N N 285 
THR O    O N N 286 
THR CB   C N R 287 
THR OG1  O N N 288 
THR CG2  C N N 289 
THR OXT  O N N 290 
THR H    H N N 291 
THR H2   H N N 292 
THR HA   H N N 293 
THR HB   H N N 294 
THR HG1  H N N 295 
THR HG21 H N N 296 
THR HG22 H N N 297 
THR HG23 H N N 298 
THR HXT  H N N 299 
TYR N    N N N 300 
TYR CA   C N S 301 
TYR C    C N N 302 
TYR O    O N N 303 
TYR CB   C N N 304 
TYR CG   C Y N 305 
TYR CD1  C Y N 306 
TYR CD2  C Y N 307 
TYR CE1  C Y N 308 
TYR CE2  C Y N 309 
TYR CZ   C Y N 310 
TYR OH   O N N 311 
TYR OXT  O N N 312 
TYR H    H N N 313 
TYR H2   H N N 314 
TYR HA   H N N 315 
TYR HB2  H N N 316 
TYR HB3  H N N 317 
TYR HD1  H N N 318 
TYR HD2  H N N 319 
TYR HE1  H N N 320 
TYR HE2  H N N 321 
TYR HH   H N N 322 
TYR HXT  H N N 323 
VAL N    N N N 324 
VAL CA   C N S 325 
VAL C    C N N 326 
VAL O    O N N 327 
VAL CB   C N N 328 
VAL CG1  C N N 329 
VAL CG2  C N N 330 
VAL OXT  O N N 331 
VAL H    H N N 332 
VAL H2   H N N 333 
VAL HA   H N N 334 
VAL HB   H N N 335 
VAL HG11 H N N 336 
VAL HG12 H N N 337 
VAL HG13 H N N 338 
VAL HG21 H N N 339 
VAL HG22 H N N 340 
VAL HG23 H N N 341 
VAL HXT  H N N 342 
# 
loop_
_chem_comp_bond.comp_id 
_chem_comp_bond.atom_id_1 
_chem_comp_bond.atom_id_2 
_chem_comp_bond.value_order 
_chem_comp_bond.pdbx_aromatic_flag 
_chem_comp_bond.pdbx_stereo_config 
_chem_comp_bond.pdbx_ordinal 
ALA N   CA   sing N N 1   
ALA N   H    sing N N 2   
ALA N   H2   sing N N 3   
ALA CA  C    sing N N 4   
ALA CA  CB   sing N N 5   
ALA CA  HA   sing N N 6   
ALA C   O    doub N N 7   
ALA C   OXT  sing N N 8   
ALA CB  HB1  sing N N 9   
ALA CB  HB2  sing N N 10  
ALA CB  HB3  sing N N 11  
ALA OXT HXT  sing N N 12  
ARG N   CA   sing N N 13  
ARG N   H    sing N N 14  
ARG N   H2   sing N N 15  
ARG CA  C    sing N N 16  
ARG CA  CB   sing N N 17  
ARG CA  HA   sing N N 18  
ARG C   O    doub N N 19  
ARG C   OXT  sing N N 20  
ARG CB  CG   sing N N 21  
ARG CB  HB2  sing N N 22  
ARG CB  HB3  sing N N 23  
ARG CG  CD   sing N N 24  
ARG CG  HG2  sing N N 25  
ARG CG  HG3  sing N N 26  
ARG CD  NE   sing N N 27  
ARG CD  HD2  sing N N 28  
ARG CD  HD3  sing N N 29  
ARG NE  CZ   sing N N 30  
ARG NE  HE   sing N N 31  
ARG CZ  NH1  sing N N 32  
ARG CZ  NH2  doub N N 33  
ARG NH1 HH11 sing N N 34  
ARG NH1 HH12 sing N N 35  
ARG NH2 HH21 sing N N 36  
ARG NH2 HH22 sing N N 37  
ARG OXT HXT  sing N N 38  
ASN N   CA   sing N N 39  
ASN N   H    sing N N 40  
ASN N   H2   sing N N 41  
ASN CA  C    sing N N 42  
ASN CA  CB   sing N N 43  
ASN CA  HA   sing N N 44  
ASN C   O    doub N N 45  
ASN C   OXT  sing N N 46  
ASN CB  CG   sing N N 47  
ASN CB  HB2  sing N N 48  
ASN CB  HB3  sing N N 49  
ASN CG  OD1  doub N N 50  
ASN CG  ND2  sing N N 51  
ASN ND2 HD21 sing N N 52  
ASN ND2 HD22 sing N N 53  
ASN OXT HXT  sing N N 54  
ASP N   CA   sing N N 55  
ASP N   H    sing N N 56  
ASP N   H2   sing N N 57  
ASP CA  C    sing N N 58  
ASP CA  CB   sing N N 59  
ASP CA  HA   sing N N 60  
ASP C   O    doub N N 61  
ASP C   OXT  sing N N 62  
ASP CB  CG   sing N N 63  
ASP CB  HB2  sing N N 64  
ASP CB  HB3  sing N N 65  
ASP CG  OD1  doub N N 66  
ASP CG  OD2  sing N N 67  
ASP OD2 HD2  sing N N 68  
ASP OXT HXT  sing N N 69  
CYS N   CA   sing N N 70  
CYS N   H    sing N N 71  
CYS N   H2   sing N N 72  
CYS CA  C    sing N N 73  
CYS CA  CB   sing N N 74  
CYS CA  HA   sing N N 75  
CYS C   O    doub N N 76  
CYS C   OXT  sing N N 77  
CYS CB  SG   sing N N 78  
CYS CB  HB2  sing N N 79  
CYS CB  HB3  sing N N 80  
CYS SG  HG   sing N N 81  
CYS OXT HXT  sing N N 82  
GLN N   CA   sing N N 83  
GLN N   H    sing N N 84  
GLN N   H2   sing N N 85  
GLN CA  C    sing N N 86  
GLN CA  CB   sing N N 87  
GLN CA  HA   sing N N 88  
GLN C   O    doub N N 89  
GLN C   OXT  sing N N 90  
GLN CB  CG   sing N N 91  
GLN CB  HB2  sing N N 92  
GLN CB  HB3  sing N N 93  
GLN CG  CD   sing N N 94  
GLN CG  HG2  sing N N 95  
GLN CG  HG3  sing N N 96  
GLN CD  OE1  doub N N 97  
GLN CD  NE2  sing N N 98  
GLN NE2 HE21 sing N N 99  
GLN NE2 HE22 sing N N 100 
GLN OXT HXT  sing N N 101 
GLU N   CA   sing N N 102 
GLU N   H    sing N N 103 
GLU N   H2   sing N N 104 
GLU CA  C    sing N N 105 
GLU CA  CB   sing N N 106 
GLU CA  HA   sing N N 107 
GLU C   O    doub N N 108 
GLU C   OXT  sing N N 109 
GLU CB  CG   sing N N 110 
GLU CB  HB2  sing N N 111 
GLU CB  HB3  sing N N 112 
GLU CG  CD   sing N N 113 
GLU CG  HG2  sing N N 114 
GLU CG  HG3  sing N N 115 
GLU CD  OE1  doub N N 116 
GLU CD  OE2  sing N N 117 
GLU OE2 HE2  sing N N 118 
GLU OXT HXT  sing N N 119 
GLY N   CA   sing N N 120 
GLY N   H    sing N N 121 
GLY N   H2   sing N N 122 
GLY CA  C    sing N N 123 
GLY CA  HA2  sing N N 124 
GLY CA  HA3  sing N N 125 
GLY C   O    doub N N 126 
GLY C   OXT  sing N N 127 
GLY OXT HXT  sing N N 128 
HOH O   H1   sing N N 129 
HOH O   H2   sing N N 130 
ILE N   CA   sing N N 131 
ILE N   H    sing N N 132 
ILE N   H2   sing N N 133 
ILE CA  C    sing N N 134 
ILE CA  CB   sing N N 135 
ILE CA  HA   sing N N 136 
ILE C   O    doub N N 137 
ILE C   OXT  sing N N 138 
ILE CB  CG1  sing N N 139 
ILE CB  CG2  sing N N 140 
ILE CB  HB   sing N N 141 
ILE CG1 CD1  sing N N 142 
ILE CG1 HG12 sing N N 143 
ILE CG1 HG13 sing N N 144 
ILE CG2 HG21 sing N N 145 
ILE CG2 HG22 sing N N 146 
ILE CG2 HG23 sing N N 147 
ILE CD1 HD11 sing N N 148 
ILE CD1 HD12 sing N N 149 
ILE CD1 HD13 sing N N 150 
ILE OXT HXT  sing N N 151 
LEU N   CA   sing N N 152 
LEU N   H    sing N N 153 
LEU N   H2   sing N N 154 
LEU CA  C    sing N N 155 
LEU CA  CB   sing N N 156 
LEU CA  HA   sing N N 157 
LEU C   O    doub N N 158 
LEU C   OXT  sing N N 159 
LEU CB  CG   sing N N 160 
LEU CB  HB2  sing N N 161 
LEU CB  HB3  sing N N 162 
LEU CG  CD1  sing N N 163 
LEU CG  CD2  sing N N 164 
LEU CG  HG   sing N N 165 
LEU CD1 HD11 sing N N 166 
LEU CD1 HD12 sing N N 167 
LEU CD1 HD13 sing N N 168 
LEU CD2 HD21 sing N N 169 
LEU CD2 HD22 sing N N 170 
LEU CD2 HD23 sing N N 171 
LEU OXT HXT  sing N N 172 
LYS N   CA   sing N N 173 
LYS N   H    sing N N 174 
LYS N   H2   sing N N 175 
LYS CA  C    sing N N 176 
LYS CA  CB   sing N N 177 
LYS CA  HA   sing N N 178 
LYS C   O    doub N N 179 
LYS C   OXT  sing N N 180 
LYS CB  CG   sing N N 181 
LYS CB  HB2  sing N N 182 
LYS CB  HB3  sing N N 183 
LYS CG  CD   sing N N 184 
LYS CG  HG2  sing N N 185 
LYS CG  HG3  sing N N 186 
LYS CD  CE   sing N N 187 
LYS CD  HD2  sing N N 188 
LYS CD  HD3  sing N N 189 
LYS CE  NZ   sing N N 190 
LYS CE  HE2  sing N N 191 
LYS CE  HE3  sing N N 192 
LYS NZ  HZ1  sing N N 193 
LYS NZ  HZ2  sing N N 194 
LYS NZ  HZ3  sing N N 195 
LYS OXT HXT  sing N N 196 
MET N   CA   sing N N 197 
MET N   H    sing N N 198 
MET N   H2   sing N N 199 
MET CA  C    sing N N 200 
MET CA  CB   sing N N 201 
MET CA  HA   sing N N 202 
MET C   O    doub N N 203 
MET C   OXT  sing N N 204 
MET CB  CG   sing N N 205 
MET CB  HB2  sing N N 206 
MET CB  HB3  sing N N 207 
MET CG  SD   sing N N 208 
MET CG  HG2  sing N N 209 
MET CG  HG3  sing N N 210 
MET SD  CE   sing N N 211 
MET CE  HE1  sing N N 212 
MET CE  HE2  sing N N 213 
MET CE  HE3  sing N N 214 
MET OXT HXT  sing N N 215 
PHE N   CA   sing N N 216 
PHE N   H    sing N N 217 
PHE N   H2   sing N N 218 
PHE CA  C    sing N N 219 
PHE CA  CB   sing N N 220 
PHE CA  HA   sing N N 221 
PHE C   O    doub N N 222 
PHE C   OXT  sing N N 223 
PHE CB  CG   sing N N 224 
PHE CB  HB2  sing N N 225 
PHE CB  HB3  sing N N 226 
PHE CG  CD1  doub Y N 227 
PHE CG  CD2  sing Y N 228 
PHE CD1 CE1  sing Y N 229 
PHE CD1 HD1  sing N N 230 
PHE CD2 CE2  doub Y N 231 
PHE CD2 HD2  sing N N 232 
PHE CE1 CZ   doub Y N 233 
PHE CE1 HE1  sing N N 234 
PHE CE2 CZ   sing Y N 235 
PHE CE2 HE2  sing N N 236 
PHE CZ  HZ   sing N N 237 
PHE OXT HXT  sing N N 238 
PRO N   CA   sing N N 239 
PRO N   CD   sing N N 240 
PRO N   H    sing N N 241 
PRO CA  C    sing N N 242 
PRO CA  CB   sing N N 243 
PRO CA  HA   sing N N 244 
PRO C   O    doub N N 245 
PRO C   OXT  sing N N 246 
PRO CB  CG   sing N N 247 
PRO CB  HB2  sing N N 248 
PRO CB  HB3  sing N N 249 
PRO CG  CD   sing N N 250 
PRO CG  HG2  sing N N 251 
PRO CG  HG3  sing N N 252 
PRO CD  HD2  sing N N 253 
PRO CD  HD3  sing N N 254 
PRO OXT HXT  sing N N 255 
SER N   CA   sing N N 256 
SER N   H    sing N N 257 
SER N   H2   sing N N 258 
SER CA  C    sing N N 259 
SER CA  CB   sing N N 260 
SER CA  HA   sing N N 261 
SER C   O    doub N N 262 
SER C   OXT  sing N N 263 
SER CB  OG   sing N N 264 
SER CB  HB2  sing N N 265 
SER CB  HB3  sing N N 266 
SER OG  HG   sing N N 267 
SER OXT HXT  sing N N 268 
THR N   CA   sing N N 269 
THR N   H    sing N N 270 
THR N   H2   sing N N 271 
THR CA  C    sing N N 272 
THR CA  CB   sing N N 273 
THR CA  HA   sing N N 274 
THR C   O    doub N N 275 
THR C   OXT  sing N N 276 
THR CB  OG1  sing N N 277 
THR CB  CG2  sing N N 278 
THR CB  HB   sing N N 279 
THR OG1 HG1  sing N N 280 
THR CG2 HG21 sing N N 281 
THR CG2 HG22 sing N N 282 
THR CG2 HG23 sing N N 283 
THR OXT HXT  sing N N 284 
TYR N   CA   sing N N 285 
TYR N   H    sing N N 286 
TYR N   H2   sing N N 287 
TYR CA  C    sing N N 288 
TYR CA  CB   sing N N 289 
TYR CA  HA   sing N N 290 
TYR C   O    doub N N 291 
TYR C   OXT  sing N N 292 
TYR CB  CG   sing N N 293 
TYR CB  HB2  sing N N 294 
TYR CB  HB3  sing N N 295 
TYR CG  CD1  doub Y N 296 
TYR CG  CD2  sing Y N 297 
TYR CD1 CE1  sing Y N 298 
TYR CD1 HD1  sing N N 299 
TYR CD2 CE2  doub Y N 300 
TYR CD2 HD2  sing N N 301 
TYR CE1 CZ   doub Y N 302 
TYR CE1 HE1  sing N N 303 
TYR CE2 CZ   sing Y N 304 
TYR CE2 HE2  sing N N 305 
TYR CZ  OH   sing N N 306 
TYR OH  HH   sing N N 307 
TYR OXT HXT  sing N N 308 
VAL N   CA   sing N N 309 
VAL N   H    sing N N 310 
VAL N   H2   sing N N 311 
VAL CA  C    sing N N 312 
VAL CA  CB   sing N N 313 
VAL CA  HA   sing N N 314 
VAL C   O    doub N N 315 
VAL C   OXT  sing N N 316 
VAL CB  CG1  sing N N 317 
VAL CB  CG2  sing N N 318 
VAL CB  HB   sing N N 319 
VAL CG1 HG11 sing N N 320 
VAL CG1 HG12 sing N N 321 
VAL CG1 HG13 sing N N 322 
VAL CG2 HG21 sing N N 323 
VAL CG2 HG22 sing N N 324 
VAL CG2 HG23 sing N N 325 
VAL OXT HXT  sing N N 326 
# 
_atom_sites.entry_id                    1ZPW 
_atom_sites.fract_transf_matrix[1][1]   0.02031071 
_atom_sites.fract_transf_matrix[1][2]   -0.00632713 
_atom_sites.fract_transf_matrix[1][3]   0.00764978 
_atom_sites.fract_transf_matrix[2][1]   -0.00426292 
_atom_sites.fract_transf_matrix[2][2]   -0.01711896 
_atom_sites.fract_transf_matrix[2][3]   -0.00284075 
_atom_sites.fract_transf_matrix[3][1]   0.00491992 
_atom_sites.fract_transf_matrix[3][2]   0.00082876 
_atom_sites.fract_transf_matrix[3][3]   -0.01237726 
_atom_sites.fract_transf_vector[1]      0.502160 
_atom_sites.fract_transf_vector[2]      0.146438 
_atom_sites.fract_transf_vector[3]      0.285114 
# 
loop_
_atom_type.symbol 
C 
N 
O 
S 
# 
loop_
_atom_site.group_PDB 
_atom_site.id 
_atom_site.type_symbol 
_atom_site.label_atom_id 
_atom_site.label_alt_id 
_atom_site.label_comp_id 
_atom_site.label_asym_id 
_atom_site.label_entity_id 
_atom_site.label_seq_id 
_atom_site.pdbx_PDB_ins_code 
_atom_site.Cartn_x 
_atom_site.Cartn_y 
_atom_site.Cartn_z 
_atom_site.occupancy 
_atom_site.B_iso_or_equiv 
_atom_site.pdbx_formal_charge 
_atom_site.auth_seq_id 
_atom_site.auth_comp_id 
_atom_site.auth_asym_id 
_atom_site.auth_atom_id 
_atom_site.pdbx_PDB_model_num 
ATOM   1   N N   . GLY A 1 2  ? -7.758  -4.825  15.793  1.00 34.65 ? 2   GLY X N   1 
ATOM   2   C CA  . GLY A 1 2  ? -8.648  -5.274  14.686  1.00 33.23 ? 2   GLY X CA  1 
ATOM   3   C C   . GLY A 1 2  ? -8.275  -4.569  13.393  1.00 31.87 ? 2   GLY X C   1 
ATOM   4   O O   . GLY A 1 2  ? -7.117  -4.149  13.228  1.00 33.15 ? 2   GLY X O   1 
ATOM   5   N N   . LYS A 1 3  ? -9.229  -4.413  12.479  1.00 30.45 ? 3   LYS X N   1 
ATOM   6   C CA  . LYS A 1 3  ? -8.909  -3.708  11.223  1.00 28.02 ? 3   LYS X CA  1 
ATOM   7   C C   . LYS A 1 3  ? -8.696  -2.201  11.419  1.00 26.87 ? 3   LYS X C   1 
ATOM   8   O O   . LYS A 1 3  ? -9.391  -1.513  12.178  1.00 26.44 ? 3   LYS X O   1 
ATOM   9   C CB  . LYS A 1 3  ? -9.929  -3.983  10.107  1.00 29.36 ? 3   LYS X CB  1 
ATOM   10  C CG  . LYS A 1 3  ? -10.763 -2.772  9.698   1.00 27.96 ? 3   LYS X CG  1 
ATOM   11  C CD  . LYS A 1 3  ? -12.127 -3.177  9.151   1.00 29.41 ? 3   LYS X CD  1 
ATOM   12  C CE  . LYS A 1 3  ? -12.519 -2.359  7.939   1.00 28.65 ? 3   LYS X CE  1 
ATOM   13  N NZ  . LYS A 1 3  ? -13.832 -1.668  8.086   1.00 25.11 ? 3   LYS X NZ  1 
ATOM   14  N N   . ARG A 1 4  ? -7.698  -1.685  10.733  1.00 23.26 ? 4   ARG X N   1 
ATOM   15  C CA  . ARG A 1 4  ? -7.455  -0.271  10.782  1.00 21.17 ? 4   ARG X CA  1 
ATOM   16  C C   . ARG A 1 4  ? -7.071  0.110   9.380   1.00 18.04 ? 4   ARG X C   1 
ATOM   17  O O   . ARG A 1 4  ? -6.667  -0.745  8.595   1.00 16.09 ? 4   ARG X O   1 
ATOM   18  C CB  . ARG A 1 4  ? -6.264  0.023   11.672  1.00 22.47 ? 4   ARG X CB  1 
ATOM   19  C CG  . ARG A 1 4  ? -6.414  -0.222  13.144  1.00 28.29 ? 4   ARG X CG  1 
ATOM   20  C CD  . ARG A 1 4  ? -5.066  -0.099  13.866  1.00 35.08 ? 4   ARG X CD  1 
ATOM   21  N NE  . ARG A 1 4  ? -4.734  1.278   14.246  1.00 38.92 ? 4   ARG X NE  1 
ATOM   22  C CZ  . ARG A 1 4  ? -4.420  2.260   13.405  1.00 39.04 ? 4   ARG X CZ  1 
ATOM   23  N NH1 . ARG A 1 4  ? -4.404  2.052   12.091  1.00 40.25 ? 4   ARG X NH1 1 
ATOM   24  N NH2 . ARG A 1 4  ? -4.132  3.466   13.878  1.00 38.45 ? 4   ARG X NH2 1 
ATOM   25  N N   . LEU A 1 5  ? -7.185  1.402   9.077   1.00 16.35 ? 5   LEU X N   1 
ATOM   26  C CA  . LEU A 1 5  ? -6.726  1.939   7.789   1.00 14.77 ? 5   LEU X CA  1 
ATOM   27  C C   . LEU A 1 5  ? -5.206  2.108   7.770   1.00 14.14 ? 5   LEU X C   1 
ATOM   28  O O   . LEU A 1 5  ? -4.611  2.625   8.724   1.00 13.46 ? 5   LEU X O   1 
ATOM   29  C CB  . LEU A 1 5  ? -7.387  3.296   7.500   1.00 14.97 ? 5   LEU X CB  1 
ATOM   30  C CG  . LEU A 1 5  ? -6.937  4.067   6.248   1.00 15.23 ? 5   LEU X CG  1 
ATOM   31  C CD1 . LEU A 1 5  ? -7.323  3.267   5.004   1.00 16.74 ? 5   LEU X CD1 1 
ATOM   32  C CD2 . LEU A 1 5  ? -7.579  5.456   6.204   1.00 17.08 ? 5   LEU X CD2 1 
ATOM   33  N N   . TYR A 1 6  ? -4.592  1.652   6.684   1.00 13.74 ? 6   TYR X N   1 
ATOM   34  C CA  . TYR A 1 6  ? -3.160  1.899   6.449   1.00 13.20 ? 6   TYR X CA  1 
ATOM   35  C C   . TYR A 1 6  ? -2.985  2.560   5.109   1.00 13.24 ? 6   TYR X C   1 
ATOM   36  O O   . TYR A 1 6  ? -3.659  2.214   4.135   1.00 14.02 ? 6   TYR X O   1 
ATOM   37  C CB  . TYR A 1 6  ? -2.349  0.594   6.456   1.00 13.41 ? 6   TYR X CB  1 
ATOM   38  C CG  . TYR A 1 6  ? -2.266  -0.093  7.798   1.00 13.31 ? 6   TYR X CG  1 
ATOM   39  C CD1 . TYR A 1 6  ? -3.351  -0.846  8.289   1.00 15.24 ? 6   TYR X CD1 1 
ATOM   40  C CD2 . TYR A 1 6  ? -1.093  -0.017  8.558   1.00 13.69 ? 6   TYR X CD2 1 
ATOM   41  C CE1 . TYR A 1 6  ? -3.264  -1.467  9.543   1.00 15.69 ? 6   TYR X CE1 1 
ATOM   42  C CE2 . TYR A 1 6  ? -1.004  -0.656  9.803   1.00 14.97 ? 6   TYR X CE2 1 
ATOM   43  C CZ  . TYR A 1 6  ? -2.092  -1.385  10.259  1.00 16.21 ? 6   TYR X CZ  1 
ATOM   44  O OH  . TYR A 1 6  ? -2.007  -2.007  11.490  1.00 21.26 ? 6   TYR X OH  1 
ATOM   45  N N   . ALA A 1 7  ? -2.062  3.521   5.041   1.00 11.76 ? 7   ALA X N   1 
ATOM   46  C CA  . ALA A 1 7  ? -1.620  4.049   3.751   1.00 10.64 ? 7   ALA X CA  1 
ATOM   47  C C   . ALA A 1 7  ? -0.365  3.275   3.381   1.00 11.07 ? 7   ALA X C   1 
ATOM   48  O O   . ALA A 1 7  ? 0.568   3.151   4.183   1.00 11.02 ? 7   ALA X O   1 
ATOM   49  C CB  . ALA A 1 7  ? -1.301  5.540   3.839   1.00 9.97  ? 7   ALA X CB  1 
ATOM   50  N N   . VAL A 1 8  ? -0.352  2.738   2.172   1.00 11.18 ? 8   VAL X N   1 
ATOM   51  C CA  . VAL A 1 8  ? 0.783   1.910   1.739   1.00 11.16 ? 8   VAL X CA  1 
ATOM   52  C C   . VAL A 1 8  ? 1.401   2.616   0.546   1.00 11.36 ? 8   VAL X C   1 
ATOM   53  O O   . VAL A 1 8  ? 0.775   2.679   -0.507  1.00 10.88 ? 8   VAL X O   1 
ATOM   54  C CB  . VAL A 1 8  ? 0.356   0.480   1.360   1.00 11.09 ? 8   VAL X CB  1 
ATOM   55  C CG1 . VAL A 1 8  ? 1.591   -0.325  0.939   1.00 12.31 ? 8   VAL X CG1 1 
ATOM   56  C CG2 . VAL A 1 8  ? -0.300  -0.204  2.538   1.00 12.19 ? 8   VAL X CG2 1 
ATOM   57  N N   . ALA A 1 9  ? 2.624   3.139   0.724   1.00 10.16 ? 9   ALA X N   1 
ATOM   58  C CA  . ALA A 1 9  ? 3.265   3.956   -0.291  1.00 11.00 ? 9   ALA X CA  1 
ATOM   59  C C   . ALA A 1 9  ? 4.511   3.255   -0.776  1.00 11.70 ? 9   ALA X C   1 
ATOM   60  O O   . ALA A 1 9  ? 5.289   2.722   0.023   1.00 12.38 ? 9   ALA X O   1 
ATOM   61  C CB  . ALA A 1 9  ? 3.629   5.325   0.280   1.00 11.50 ? 9   ALA X CB  1 
ATOM   62  N N   . TYR A 1 10 ? 4.709   3.253   -2.087  1.00 12.12 ? 10  TYR X N   1 
ATOM   63  C CA  . TYR A 1 10 ? 5.834   2.506   -2.647  1.00 12.99 ? 10  TYR X CA  1 
ATOM   64  C C   . TYR A 1 10 ? 6.602   3.288   -3.677  1.00 13.06 ? 10  TYR X C   1 
ATOM   65  O O   . TYR A 1 10 ? 6.067   4.177   -4.356  1.00 13.19 ? 10  TYR X O   1 
ATOM   66  C CB  . TYR A 1 10 ? 5.395   1.165   -3.214  1.00 12.93 ? 10  TYR X CB  1 
ATOM   67  C CG  . TYR A 1 10 ? 4.259   1.227   -4.198  1.00 12.29 ? 10  TYR X CG  1 
ATOM   68  C CD1 . TYR A 1 10 ? 2.937   1.120   -3.763  1.00 12.91 ? 10  TYR X CD1 1 
ATOM   69  C CD2 . TYR A 1 10 ? 4.503   1.411   -5.569  1.00 11.77 ? 10  TYR X CD2 1 
ATOM   70  C CE1 . TYR A 1 10 ? 1.877   1.156   -4.653  1.00 13.94 ? 10  TYR X CE1 1 
ATOM   71  C CE2 . TYR A 1 10 ? 3.437   1.450   -6.474  1.00 12.48 ? 10  TYR X CE2 1 
ATOM   72  C CZ  . TYR A 1 10 ? 2.149   1.321   -6.013  1.00 12.84 ? 10  TYR X CZ  1 
ATOM   73  O OH  . TYR A 1 10 ? 1.116   1.396   -6.914  1.00 14.86 ? 10  TYR X OH  1 
ATOM   74  N N   . ASP A 1 11 ? 7.875   2.968   -3.764  1.00 12.57 ? 11  ASP X N   1 
ATOM   75  C CA  . ASP A 1 11 ? 8.781   3.615   -4.690  1.00 13.08 ? 11  ASP X CA  1 
ATOM   76  C C   . ASP A 1 11 ? 9.601   2.463   -5.272  1.00 13.36 ? 11  ASP X C   1 
ATOM   77  O O   . ASP A 1 11 ? 10.544  1.985   -4.637  1.00 13.86 ? 11  ASP X O   1 
ATOM   78  C CB  . ASP A 1 11 ? 9.652   4.540   -3.846  1.00 15.79 ? 11  ASP X CB  1 
ATOM   79  C CG  . ASP A 1 11 ? 10.465  5.477   -4.640  1.00 20.09 ? 11  ASP X CG  1 
ATOM   80  O OD1 . ASP A 1 11 ? 10.659  5.259   -5.874  1.00 22.76 ? 11  ASP X OD1 1 
ATOM   81  O OD2 . ASP A 1 11 ? 11.001  6.470   -4.062  1.00 21.61 ? 11  ASP X OD2 1 
ATOM   82  N N   . ILE A 1 12 ? 9.192   1.993   -6.462  1.00 13.25 ? 12  ILE X N   1 
ATOM   83  C CA  . ILE A 1 12 ? 9.780   0.813   -7.109  1.00 13.18 ? 12  ILE X CA  1 
ATOM   84  C C   . ILE A 1 12 ? 10.246  1.233   -8.503  1.00 13.46 ? 12  ILE X C   1 
ATOM   85  O O   . ILE A 1 12 ? 9.420   1.521   -9.348  1.00 14.25 ? 12  ILE X O   1 
ATOM   86  C CB  . ILE A 1 12 ? 8.701   -0.307  -7.239  1.00 12.97 ? 12  ILE X CB  1 
ATOM   87  C CG1 A ILE A 1 12 ? 7.882   -0.543  -5.955  0.65 15.99 ? 12  ILE X CG1 1 
ATOM   88  C CG1 B ILE A 1 12 ? 8.275   -0.737  -5.831  0.35 13.38 ? 12  ILE X CG1 1 
ATOM   89  C CG2 . ILE A 1 12 ? 9.267   -1.584  -7.942  1.00 14.22 ? 12  ILE X CG2 1 
ATOM   90  C CD1 A ILE A 1 12 ? 8.663   -0.993  -4.788  0.65 15.80 ? 12  ILE X CD1 1 
ATOM   91  C CD1 B ILE A 1 12 ? 7.105   -1.661  -5.782  0.35 9.77  ? 12  ILE X CD1 1 
ATOM   92  N N   . PRO A 1 13 ? 11.535  1.307   -8.738  1.00 13.63 ? 13  PRO X N   1 
ATOM   93  C CA  . PRO A 1 13 ? 12.009  1.788   -10.056 1.00 14.79 ? 13  PRO X CA  1 
ATOM   94  C C   . PRO A 1 13 ? 11.697  0.889   -11.225 1.00 15.70 ? 13  PRO X C   1 
ATOM   95  O O   . PRO A 1 13 ? 11.519  1.370   -12.390 1.00 16.55 ? 13  PRO X O   1 
ATOM   96  C CB  . PRO A 1 13 ? 13.522  2.013   -9.848  1.00 15.99 ? 13  PRO X CB  1 
ATOM   97  C CG  . PRO A 1 13 ? 13.888  1.281   -8.590  1.00 17.74 ? 13  PRO X CG  1 
ATOM   98  C CD  . PRO A 1 13 ? 12.629  1.126   -7.772  1.00 14.50 ? 13  PRO X CD  1 
ATOM   99  N N   . ASP A 1 14 ? 11.600  -0.406  -10.951 1.00 14.93 ? 14  ASP X N   1 
ATOM   100 C CA  . ASP A 1 14 ? 11.384  -1.398  -11.984 1.00 15.03 ? 14  ASP X CA  1 
ATOM   101 C C   . ASP A 1 14 ? 9.916   -1.577  -12.329 1.00 14.44 ? 14  ASP X C   1 
ATOM   102 O O   . ASP A 1 14 ? 9.082   -1.870  -11.445 1.00 13.70 ? 14  ASP X O   1 
ATOM   103 C CB  . ASP A 1 14 ? 11.969  -2.737  -11.557 1.00 15.68 ? 14  ASP X CB  1 
ATOM   104 C CG  . ASP A 1 14 ? 11.794  -3.801  -12.621 1.00 17.16 ? 14  ASP X CG  1 
ATOM   105 O OD1 . ASP A 1 14 ? 12.548  -3.744  -13.641 1.00 22.20 ? 14  ASP X OD1 1 
ATOM   106 O OD2 . ASP A 1 14 ? 10.947  -4.706  -12.571 1.00 16.02 ? 14  ASP X OD2 1 
ATOM   107 N N   . ASP A 1 15 ? 9.569   -1.406  -13.610 1.00 14.46 ? 15  ASP X N   1 
ATOM   108 C CA  . ASP A 1 15 ? 8.145   -1.449  -13.971 1.00 14.13 ? 15  ASP X CA  1 
ATOM   109 C C   . ASP A 1 15 ? 7.476   -2.798  -13.678 1.00 14.27 ? 15  ASP X C   1 
ATOM   110 O O   . ASP A 1 15 ? 6.334   -2.834  -13.221 1.00 13.74 ? 15  ASP X O   1 
ATOM   111 C CB  . ASP A 1 15 ? 7.941   -1.127  -15.464 1.00 14.40 ? 15  ASP X CB  1 
ATOM   112 C CG  . ASP A 1 15 ? 8.123   0.339   -15.799 1.00 17.10 ? 15  ASP X CG  1 
ATOM   113 O OD1 . ASP A 1 15 ? 8.193   1.231   -14.914 1.00 17.08 ? 15  ASP X OD1 1 
ATOM   114 O OD2 . ASP A 1 15 ? 8.206   0.682   -17.007 1.00 16.96 ? 15  ASP X OD2 1 
ATOM   115 N N   . THR A 1 16 ? 8.171   -3.905  -13.994 1.00 14.87 ? 16  THR X N   1 
ATOM   116 C CA  . THR A 1 16 ? 7.605   -5.232  -13.786 1.00 15.20 ? 16  THR X CA  1 
ATOM   117 C C   . THR A 1 16 ? 7.337   -5.505  -12.301 1.00 13.90 ? 16  THR X C   1 
ATOM   118 O O   . THR A 1 16 ? 6.256   -5.974  -11.961 1.00 14.28 ? 16  THR X O   1 
ATOM   119 C CB  . THR A 1 16 ? 8.514   -6.319  -14.388 1.00 15.84 ? 16  THR X CB  1 
ATOM   120 O OG1 . THR A 1 16 ? 8.564   -6.156  -15.815 1.00 18.03 ? 16  THR X OG1 1 
ATOM   121 C CG2 . THR A 1 16 ? 7.902   -7.701  -14.206 1.00 17.53 ? 16  THR X CG2 1 
ATOM   122 N N   . ARG A 1 17 ? 8.309   -5.208  -11.445 1.00 13.05 ? 17  ARG X N   1 
ATOM   123 C CA  . ARG A 1 17 ? 8.101   -5.363  -10.002 1.00 12.74 ? 17  ARG X CA  1 
ATOM   124 C C   . ARG A 1 17 ? 6.972   -4.466  -9.528  1.00 12.79 ? 17  ARG X C   1 
ATOM   125 O O   . ARG A 1 17 ? 6.187   -4.875  -8.688  1.00 12.33 ? 17  ARG X O   1 
ATOM   126 C CB  . ARG A 1 17 ? 9.358   -5.011  -9.233  1.00 13.15 ? 17  ARG X CB  1 
ATOM   127 C CG  . ARG A 1 17 ? 10.468  -6.016  -9.470  1.00 13.22 ? 17  ARG X CG  1 
ATOM   128 C CD  . ARG A 1 17 ? 11.503  -6.018  -8.376  1.00 13.71 ? 17  ARG X CD  1 
ATOM   129 N NE  . ARG A 1 17 ? 12.099  -4.706  -8.147  1.00 13.88 ? 17  ARG X NE  1 
ATOM   130 C CZ  . ARG A 1 17 ? 13.151  -4.221  -8.818  1.00 15.22 ? 17  ARG X CZ  1 
ATOM   131 N NH1 . ARG A 1 17 ? 13.712  -4.923  -9.812  1.00 17.41 ? 17  ARG X NH1 1 
ATOM   132 N NH2 . ARG A 1 17 ? 13.619  -3.021  -8.518  1.00 16.85 ? 17  ARG X NH2 1 
ATOM   133 N N   . ARG A 1 18 ? 6.863   -3.263  -10.091 1.00 12.13 ? 18  ARG X N   1 
ATOM   134 C CA  . ARG A 1 18 ? 5.813   -2.344  -9.635  1.00 11.49 ? 18  ARG X CA  1 
ATOM   135 C C   . ARG A 1 18 ? 4.421   -2.864  -9.994  1.00 12.00 ? 18  ARG X C   1 
ATOM   136 O O   . ARG A 1 18 ? 3.485   -2.760  -9.200  1.00 12.47 ? 18  ARG X O   1 
ATOM   137 C CB  . ARG A 1 18 ? 5.996   -0.952  -10.242 1.00 11.57 ? 18  ARG X CB  1 
ATOM   138 C CG  . ARG A 1 18 ? 5.261   0.148   -9.424  1.00 12.58 ? 18  ARG X CG  1 
ATOM   139 C CD  . ARG A 1 18 ? 5.296   1.525   -10.132 1.00 12.40 ? 18  ARG X CD  1 
ATOM   140 N NE  . ARG A 1 18 ? 6.667   1.807   -10.491 1.00 14.12 ? 18  ARG X NE  1 
ATOM   141 C CZ  . ARG A 1 18 ? 7.140   1.801   -11.727 1.00 14.18 ? 18  ARG X CZ  1 
ATOM   142 N NH1 . ARG A 1 18 ? 8.440   1.966   -11.906 1.00 14.96 ? 18  ARG X NH1 1 
ATOM   143 N NH2 . ARG A 1 18 ? 6.319   1.627   -12.779 1.00 15.78 ? 18  ARG X NH2 1 
ATOM   144 N N   . VAL A 1 19 ? 4.297   -3.432  -11.197 1.00 11.66 ? 19  VAL X N   1 
ATOM   145 C CA  . VAL A 1 19 ? 3.018   -3.981  -11.644 1.00 13.02 ? 19  VAL X CA  1 
ATOM   146 C C   . VAL A 1 19 ? 2.642   -5.133  -10.703 1.00 12.91 ? 19  VAL X C   1 
ATOM   147 O O   . VAL A 1 19 ? 1.497   -5.231  -10.256 1.00 13.59 ? 19  VAL X O   1 
ATOM   148 C CB  . VAL A 1 19 ? 3.123   -4.519  -13.097 1.00 14.11 ? 19  VAL X CB  1 
ATOM   149 C CG1 . VAL A 1 19 ? 1.912   -5.363  -13.394 1.00 15.51 ? 19  VAL X CG1 1 
ATOM   150 C CG2 . VAL A 1 19 ? 3.198   -3.324  -14.068 1.00 13.66 ? 19  VAL X CG2 1 
ATOM   151 N N   . LYS A 1 20 ? 3.623   -5.995  -10.400 1.00 12.37 ? 20  LYS X N   1 
ATOM   152 C CA  . LYS A 1 20 ? 3.327   -7.128  -9.510  1.00 13.19 ? 20  LYS X CA  1 
ATOM   153 C C   . LYS A 1 20 ? 2.913   -6.670  -8.113  1.00 13.05 ? 20  LYS X C   1 
ATOM   154 O O   . LYS A 1 20 ? 1.960   -7.218  -7.509  1.00 13.48 ? 20  LYS X O   1 
ATOM   155 C CB  . LYS A 1 20 ? 4.535   -8.049  -9.418  1.00 13.16 ? 20  LYS X CB  1 
ATOM   156 C CG  . LYS A 1 20 ? 4.783   -8.763  -10.756 1.00 16.22 ? 20  LYS X CG  1 
ATOM   157 C CD  . LYS A 1 20 ? 5.981   -9.672  -10.649 1.00 20.58 ? 20  LYS X CD  1 
ATOM   158 C CE  . LYS A 1 20 ? 6.297   -10.269 -11.993 1.00 23.98 ? 20  LYS X CE  1 
ATOM   159 N NZ  . LYS A 1 20 ? 7.564   -11.070 -11.889 1.00 27.55 ? 20  LYS X NZ  1 
ATOM   160 N N   . LEU A 1 21 ? 3.594   -5.633  -7.614  1.00 12.88 ? 21  LEU X N   1 
ATOM   161 C CA  . LEU A 1 21 ? 3.264   -5.122  -6.285  1.00 12.46 ? 21  LEU X CA  1 
ATOM   162 C C   . LEU A 1 21 ? 1.875   -4.486  -6.283  1.00 12.60 ? 21  LEU X C   1 
ATOM   163 O O   . LEU A 1 21 ? 1.103   -4.725  -5.385  1.00 11.28 ? 21  LEU X O   1 
ATOM   164 C CB  . LEU A 1 21 ? 4.323   -4.126  -5.799  1.00 13.86 ? 21  LEU X CB  1 
ATOM   165 C CG  . LEU A 1 21 ? 3.987   -3.541  -4.427  1.00 13.21 ? 21  LEU X CG  1 
ATOM   166 C CD1 . LEU A 1 21 ? 3.949   -4.616  -3.328  1.00 15.37 ? 21  LEU X CD1 1 
ATOM   167 C CD2 . LEU A 1 21 ? 4.972   -2.441  -4.066  1.00 21.45 ? 21  LEU X CD2 1 
ATOM   168 N N   . ALA A 1 22 ? 1.549   -3.698  -7.298  1.00 12.24 ? 22  ALA X N   1 
ATOM   169 C CA  . ALA A 1 22 ? 0.199   -3.123  -7.372  1.00 11.32 ? 22  ALA X CA  1 
ATOM   170 C C   . ALA A 1 22 ? -0.884  -4.184  -7.436  1.00 12.52 ? 22  ALA X C   1 
ATOM   171 O O   . ALA A 1 22 ? -1.934  -4.040  -6.803  1.00 13.09 ? 22  ALA X O   1 
ATOM   172 C CB  . ALA A 1 22 ? 0.074   -2.151  -8.553  1.00 12.87 ? 22  ALA X CB  1 
ATOM   173 N N   . ASN A 1 23 ? -0.645  -5.239  -8.197  1.00 12.51 ? 23  ASN X N   1 
ATOM   174 C CA  . ASN A 1 23 ? -1.608  -6.320  -8.288  1.00 13.44 ? 23  ASN X CA  1 
ATOM   175 C C   . ASN A 1 23 ? -1.787  -6.996  -6.943  1.00 12.89 ? 23  ASN X C   1 
ATOM   176 O O   . ASN A 1 23 ? -2.910  -7.344  -6.546  1.00 14.12 ? 23  ASN X O   1 
ATOM   177 C CB  A ASN A 1 23 ? -1.183  -7.326  -9.357  0.65 14.19 ? 23  ASN X CB  1 
ATOM   178 C CB  B ASN A 1 23 ? -1.182  -7.305  -9.377  0.35 13.49 ? 23  ASN X CB  1 
ATOM   179 C CG  A ASN A 1 23 ? -1.325  -6.784  -10.754 0.65 17.26 ? 23  ASN X CG  1 
ATOM   180 C CG  B ASN A 1 23 ? -2.092  -8.503  -9.459  0.35 14.24 ? 23  ASN X CG  1 
ATOM   181 O OD1 A ASN A 1 23 ? -2.148  -5.889  -11.014 0.65 22.49 ? 23  ASN X OD1 1 
ATOM   182 O OD1 B ASN A 1 23 ? -1.726  -9.598  -9.053  0.35 18.17 ? 23  ASN X OD1 1 
ATOM   183 N ND2 A ASN A 1 23 ? -0.532  -7.322  -11.683 0.65 20.21 ? 23  ASN X ND2 1 
ATOM   184 N ND2 B ASN A 1 23 ? -3.289  -8.297  -9.981  0.35 16.25 ? 23  ASN X ND2 1 
ATOM   185 N N   . LEU A 1 24 ? -0.684  -7.154  -6.212  1.00 11.81 ? 24  LEU X N   1 
ATOM   186 C CA  . LEU A 1 24 ? -0.780  -7.688  -4.848  1.00 12.28 ? 24  LEU X CA  1 
ATOM   187 C C   . LEU A 1 24 ? -1.621  -6.786  -3.941  1.00 13.04 ? 24  LEU X C   1 
ATOM   188 O O   . LEU A 1 24 ? -2.523  -7.249  -3.234  1.00 12.71 ? 24  LEU X O   1 
ATOM   189 C CB  . LEU A 1 24 ? 0.620   -7.924  -4.289  1.00 11.66 ? 24  LEU X CB  1 
ATOM   190 C CG  . LEU A 1 24 ? 0.651   -8.259  -2.798  1.00 14.11 ? 24  LEU X CG  1 
ATOM   191 C CD1 . LEU A 1 24 ? 0.011   -9.628  -2.623  1.00 16.84 ? 24  LEU X CD1 1 
ATOM   192 C CD2 . LEU A 1 24 ? 2.074   -8.223  -2.242  1.00 13.95 ? 24  LEU X CD2 1 
ATOM   193 N N   . LEU A 1 25 ? -1.345  -5.475  -3.991  1.00 12.22 ? 25  LEU X N   1 
ATOM   194 C CA  . LEU A 1 25 ? -2.045  -4.544  -3.119  1.00 11.82 ? 25  LEU X CA  1 
ATOM   195 C C   . LEU A 1 25 ? -3.568  -4.507  -3.355  1.00 12.40 ? 25  LEU X C   1 
ATOM   196 O O   . LEU A 1 25 ? -4.320  -4.285  -2.418  1.00 12.46 ? 25  LEU X O   1 
ATOM   197 C CB  . LEU A 1 25 ? -1.432  -3.134  -3.225  1.00 11.09 ? 25  LEU X CB  1 
ATOM   198 C CG  . LEU A 1 25 ? 0.000   -3.087  -2.651  1.00 11.99 ? 25  LEU X CG  1 
ATOM   199 C CD1 . LEU A 1 25 ? 0.545   -1.651  -2.745  1.00 12.84 ? 25  LEU X CD1 1 
ATOM   200 C CD2 . LEU A 1 25 ? 0.084   -3.542  -1.173  1.00 12.06 ? 25  LEU X CD2 1 
ATOM   201 N N   . LYS A 1 26 ? -3.990  -4.779  -4.583  1.00 13.31 ? 26  LYS X N   1 
ATOM   202 C CA  . LYS A 1 26 ? -5.414  -4.894  -4.910  1.00 14.97 ? 26  LYS X CA  1 
ATOM   203 C C   . LYS A 1 26 ? -6.144  -5.940  -4.071  1.00 16.04 ? 26  LYS X C   1 
ATOM   204 O O   . LYS A 1 26 ? -7.345  -5.819  -3.830  1.00 16.17 ? 26  LYS X O   1 
ATOM   205 C CB  . LYS A 1 26 ? -5.572  -5.184  -6.404  1.00 16.35 ? 26  LYS X CB  1 
ATOM   206 C CG  . LYS A 1 26 ? -5.152  -4.025  -7.253  1.00 18.76 ? 26  LYS X CG  1 
ATOM   207 C CD  . LYS A 1 26 ? -6.292  -3.062  -7.520  1.00 26.37 ? 26  LYS X CD  1 
ATOM   208 C CE  . LYS A 1 26 ? -5.781  -1.919  -8.401  1.00 27.65 ? 26  LYS X CE  1 
ATOM   209 N NZ  . LYS A 1 26 ? -6.829  -1.037  -8.926  1.00 28.91 ? 26  LYS X NZ  1 
ATOM   210 N N   . SER A 1 27 ? -5.424  -6.967  -3.612  1.00 15.77 ? 27  SER X N   1 
ATOM   211 C CA  . SER A 1 27 ? -6.052  -7.999  -2.790  1.00 18.01 ? 27  SER X CA  1 
ATOM   212 C C   . SER A 1 27 ? -6.326  -7.520  -1.357  1.00 17.08 ? 27  SER X C   1 
ATOM   213 O O   . SER A 1 27 ? -7.079  -8.154  -0.585  1.00 18.53 ? 27  SER X O   1 
ATOM   214 C CB  . SER A 1 27 ? -5.295  -9.353  -2.914  1.00 18.70 ? 27  SER X CB  1 
ATOM   215 O OG  . SER A 1 27 ? -4.081  -9.287  -2.220  1.00 24.80 ? 27  SER X OG  1 
ATOM   216 N N   . TYR A 1 28 ? -5.765  -6.354  -0.990  1.00 15.75 ? 28  TYR X N   1 
ATOM   217 C CA  . TYR A 1 28 ? -5.933  -5.807  0.348   1.00 15.95 ? 28  TYR X CA  1 
ATOM   218 C C   . TYR A 1 28 ? -6.602  -4.449  0.401   1.00 14.92 ? 28  TYR X C   1 
ATOM   219 O O   . TYR A 1 28 ? -6.938  -3.975  1.481   1.00 16.76 ? 28  TYR X O   1 
ATOM   220 C CB  . TYR A 1 28 ? -4.582  -5.630  1.053   1.00 15.62 ? 28  TYR X CB  1 
ATOM   221 C CG  . TYR A 1 28 ? -3.790  -6.893  1.153   1.00 15.89 ? 28  TYR X CG  1 
ATOM   222 C CD1 . TYR A 1 28 ? -3.982  -7.778  2.196   1.00 16.72 ? 28  TYR X CD1 1 
ATOM   223 C CD2 . TYR A 1 28 ? -2.853  -7.216  0.161   1.00 17.15 ? 28  TYR X CD2 1 
ATOM   224 C CE1 . TYR A 1 28 ? -3.231  -8.970  2.257   1.00 17.21 ? 28  TYR X CE1 1 
ATOM   225 C CE2 . TYR A 1 28 ? -2.125  -8.359  0.216   1.00 20.58 ? 28  TYR X CE2 1 
ATOM   226 C CZ  . TYR A 1 28 ? -2.306  -9.230  1.261   1.00 18.39 ? 28  TYR X CZ  1 
ATOM   227 O OH  . TYR A 1 28 ? -1.538  -10.365 1.292   1.00 23.15 ? 28  TYR X OH  1 
ATOM   228 N N   . GLY A 1 29 ? -6.746  -3.794  -0.745  1.00 13.48 ? 29  GLY X N   1 
ATOM   229 C CA  . GLY A 1 29 ? -7.259  -2.445  -0.717  1.00 12.54 ? 29  GLY X CA  1 
ATOM   230 C C   . GLY A 1 29 ? -7.328  -1.832  -2.077  1.00 12.37 ? 29  GLY X C   1 
ATOM   231 O O   . GLY A 1 29 ? -7.330  -2.550  -3.091  1.00 11.92 ? 29  GLY X O   1 
ATOM   232 N N   . GLU A 1 30 ? -7.361  -0.501  -2.120  1.00 12.93 ? 30  GLU X N   1 
ATOM   233 C CA  . GLU A 1 30 ? -7.590  0.211   -3.366  1.00 13.87 ? 30  GLU X CA  1 
ATOM   234 C C   . GLU A 1 30 ? -6.574  1.319   -3.567  1.00 13.18 ? 30  GLU X C   1 
ATOM   235 O O   . GLU A 1 30 ? -6.107  1.957   -2.607  1.00 14.06 ? 30  GLU X O   1 
ATOM   236 C CB  . GLU A 1 30 ? -9.015  0.826   -3.430  1.00 14.39 ? 30  GLU X CB  1 
ATOM   237 C CG  . GLU A 1 30 ? -10.176 -0.106  -3.087  1.00 17.54 ? 30  GLU X CG  1 
ATOM   238 C CD  . GLU A 1 30 ? -10.311 -1.225  -4.095  1.00 15.99 ? 30  GLU X CD  1 
ATOM   239 O OE1 . GLU A 1 30 ? -9.813  -1.063  -5.210  1.00 17.98 ? 30  GLU X OE1 1 
ATOM   240 O OE2 . GLU A 1 30 ? -10.923 -2.271  -3.737  1.00 19.25 ? 30  GLU X OE2 1 
ATOM   241 N N   . ARG A 1 31 ? -6.255  1.554   -4.822  1.00 12.92 ? 31  ARG X N   1 
ATOM   242 C CA  . ARG A 1 31 ? -5.380  2.662   -5.211  1.00 13.16 ? 31  ARG X CA  1 
ATOM   243 C C   . ARG A 1 31 ? -6.016  4.009   -4.877  1.00 14.07 ? 31  ARG X C   1 
ATOM   244 O O   . ARG A 1 31 ? -7.213  4.210   -5.088  1.00 14.95 ? 31  ARG X O   1 
ATOM   245 C CB  . ARG A 1 31 ? -5.137  2.606   -6.709  1.00 13.39 ? 31  ARG X CB  1 
ATOM   246 C CG  . ARG A 1 31 ? -4.149  3.686   -7.212  1.00 14.09 ? 31  ARG X CG  1 
ATOM   247 C CD  . ARG A 1 31 ? -3.893  3.646   -8.696  1.00 17.29 ? 31  ARG X CD  1 
ATOM   248 N NE  . ARG A 1 31 ? -3.238  2.399   -9.113  1.00 17.51 ? 31  ARG X NE  1 
ATOM   249 C CZ  . ARG A 1 31 ? -1.956  2.140   -8.925  1.00 19.83 ? 31  ARG X CZ  1 
ATOM   250 N NH1 . ARG A 1 31 ? -1.452  0.980   -9.357  1.00 18.74 ? 31  ARG X NH1 1 
ATOM   251 N NH2 . ARG A 1 31 ? -1.177  3.031   -8.300  1.00 18.65 ? 31  ARG X NH2 1 
ATOM   252 N N   . VAL A 1 32 ? -5.197  4.943   -4.399  1.00 14.06 ? 32  VAL X N   1 
ATOM   253 C CA  . VAL A 1 32 ? -5.638  6.339   -4.252  1.00 13.85 ? 32  VAL X CA  1 
ATOM   254 C C   . VAL A 1 32 ? -4.810  7.326   -5.078  1.00 14.33 ? 32  VAL X C   1 
ATOM   255 O O   . VAL A 1 32 ? -5.307  8.405   -5.401  1.00 15.70 ? 32  VAL X O   1 
ATOM   256 C CB  . VAL A 1 32 ? -5.730  6.812   -2.738  1.00 13.08 ? 32  VAL X CB  1 
ATOM   257 C CG1 . VAL A 1 32 ? -6.863  6.057   -2.055  1.00 14.79 ? 32  VAL X CG1 1 
ATOM   258 C CG2 . VAL A 1 32 ? -4.418  6.604   -1.949  1.00 13.79 ? 32  VAL X CG2 1 
ATOM   259 N N   . GLN A 1 33 ? -3.560  6.967   -5.379  1.00 14.70 ? 33  GLN X N   1 
ATOM   260 C CA  . GLN A 1 33 ? -2.600  7.788   -6.127  1.00 15.93 ? 33  GLN X CA  1 
ATOM   261 C C   . GLN A 1 33 ? -1.679  6.865   -6.873  1.00 15.98 ? 33  GLN X C   1 
ATOM   262 O O   . GLN A 1 33 ? -1.729  5.646   -6.700  1.00 16.47 ? 33  GLN X O   1 
ATOM   263 C CB  . GLN A 1 33 ? -1.700  8.626   -5.176  1.00 17.57 ? 33  GLN X CB  1 
ATOM   264 C CG  . GLN A 1 33 ? -2.444  9.709   -4.497  1.00 17.01 ? 33  GLN X CG  1 
ATOM   265 C CD  . GLN A 1 33 ? -1.595  10.746  -3.775  1.00 20.30 ? 33  GLN X CD  1 
ATOM   266 O OE1 . GLN A 1 33 ? -2.133  11.750  -3.345  1.00 26.81 ? 33  GLN X OE1 1 
ATOM   267 N NE2 . GLN A 1 33 ? -0.321  10.506  -3.625  1.00 20.20 ? 33  GLN X NE2 1 
ATOM   268 N N   . LEU A 1 34 ? -0.802  7.447   -7.694  1.00 17.21 ? 34  LEU X N   1 
ATOM   269 C CA  . LEU A 1 34 ? 0.113   6.655   -8.534  1.00 18.21 ? 34  LEU X CA  1 
ATOM   270 C C   . LEU A 1 34 ? 0.983   5.657   -7.755  1.00 18.20 ? 34  LEU X C   1 
ATOM   271 O O   . LEU A 1 34 ? 1.351   4.596   -8.284  1.00 18.59 ? 34  LEU X O   1 
ATOM   272 C CB  . LEU A 1 34 ? 1.009   7.624   -9.317  1.00 20.26 ? 34  LEU X CB  1 
ATOM   273 C CG  . LEU A 1 34 ? 1.685   7.252   -10.622 1.00 24.17 ? 34  LEU X CG  1 
ATOM   274 C CD1 . LEU A 1 34 ? 0.610   6.865   -11.640 1.00 28.11 ? 34  LEU X CD1 1 
ATOM   275 C CD2 . LEU A 1 34 ? 2.496   8.483   -11.130 1.00 29.19 ? 34  LEU X CD2 1 
ATOM   276 N N   . SER A 1 35 ? 1.313   6.013   -6.520  1.00 16.37 ? 35  SER X N   1 
ATOM   277 C CA  . SER A 1 35 ? 2.232   5.223   -5.693  1.00 15.75 ? 35  SER X CA  1 
ATOM   278 C C   . SER A 1 35 ? 1.656   4.933   -4.328  1.00 13.59 ? 35  SER X C   1 
ATOM   279 O O   . SER A 1 35 ? 2.428   4.633   -3.416  1.00 12.89 ? 35  SER X O   1 
ATOM   280 C CB  . SER A 1 35 ? 3.541   6.008   -5.498  1.00 16.49 ? 35  SER X CB  1 
ATOM   281 O OG  . SER A 1 35 ? 4.038   6.438   -6.762  1.00 22.87 ? 35  SER X OG  1 
ATOM   282 N N   . VAL A 1 36 ? 0.330   5.029   -4.157  1.00 11.92 ? 36  VAL X N   1 
ATOM   283 C CA  . VAL A 1 36 ? -0.263  4.804   -2.839  1.00 12.41 ? 36  VAL X CA  1 
ATOM   284 C C   . VAL A 1 36 ? -1.560  4.011   -2.897  1.00 12.22 ? 36  VAL X C   1 
ATOM   285 O O   . VAL A 1 36 ? -2.426  4.335   -3.707  1.00 12.74 ? 36  VAL X O   1 
ATOM   286 C CB  . VAL A 1 36 ? -0.594  6.148   -2.102  1.00 11.42 ? 36  VAL X CB  1 
ATOM   287 C CG1 . VAL A 1 36 ? -1.105  5.867   -0.668  1.00 11.61 ? 36  VAL X CG1 1 
ATOM   288 C CG2 . VAL A 1 36 ? 0.634   7.044   -2.065  1.00 13.25 ? 36  VAL X CG2 1 
ATOM   289 N N   . PHE A 1 37 ? -1.666  2.990   -2.033  1.00 11.86 ? 37  PHE X N   1 
ATOM   290 C CA  . PHE A 1 37 ? -2.911  2.277   -1.791  1.00 10.48 ? 37  PHE X CA  1 
ATOM   291 C C   . PHE A 1 37 ? -3.405  2.519   -0.396  1.00 11.87 ? 37  PHE X C   1 
ATOM   292 O O   . PHE A 1 37 ? -2.599  2.728   0.518   1.00 12.50 ? 37  PHE X O   1 
ATOM   293 C CB  . PHE A 1 37 ? -2.726  0.750   -1.976  1.00 11.33 ? 37  PHE X CB  1 
ATOM   294 C CG  . PHE A 1 37 ? -2.836  0.287   -3.412  1.00 10.09 ? 37  PHE X CG  1 
ATOM   295 C CD1 . PHE A 1 37 ? -1.885  0.679   -4.363  1.00 14.08 ? 37  PHE X CD1 1 
ATOM   296 C CD2 . PHE A 1 37 ? -3.844  -0.615  -3.802  1.00 13.49 ? 37  PHE X CD2 1 
ATOM   297 C CE1 . PHE A 1 37 ? -1.968  0.269   -5.694  1.00 14.13 ? 37  PHE X CE1 1 
ATOM   298 C CE2 . PHE A 1 37 ? -3.947  -1.033  -5.151  1.00 12.81 ? 37  PHE X CE2 1 
ATOM   299 C CZ  . PHE A 1 37 ? -2.990  -0.594  -6.100  1.00 13.46 ? 37  PHE X CZ  1 
ATOM   300 N N   . GLU A 1 38 ? -4.729  2.430   -0.215  1.00 11.68 ? 38  GLU X N   1 
ATOM   301 C CA  . GLU A 1 38 ? -5.302  2.427   1.122   1.00 11.59 ? 38  GLU X CA  1 
ATOM   302 C C   . GLU A 1 38 ? -5.846  1.058   1.404   1.00 12.34 ? 38  GLU X C   1 
ATOM   303 O O   . GLU A 1 38 ? -6.662  0.562   0.628   1.00 13.31 ? 38  GLU X O   1 
ATOM   304 C CB  . GLU A 1 38 ? -6.422  3.459   1.229   1.00 13.09 ? 38  GLU X CB  1 
ATOM   305 C CG  . GLU A 1 38 ? -5.848  4.856   1.453   1.00 11.99 ? 38  GLU X CG  1 
ATOM   306 C CD  . GLU A 1 38 ? -6.898  5.956   1.479   1.00 16.62 ? 38  GLU X CD  1 
ATOM   307 O OE1 . GLU A 1 38 ? -8.123  5.667   1.487   1.00 18.25 ? 38  GLU X OE1 1 
ATOM   308 O OE2 . GLU A 1 38 ? -6.502  7.138   1.503   1.00 15.91 ? 38  GLU X OE2 1 
ATOM   309 N N   . CYS A 1 39 ? -5.428  0.480   2.525   1.00 12.18 ? 39  CYS X N   1 
ATOM   310 C CA  . CYS A 1 39 ? -5.733  -0.919  2.852   1.00 12.85 ? 39  CYS X CA  1 
ATOM   311 C C   . CYS A 1 39 ? -6.246  -1.021  4.273   1.00 13.86 ? 39  CYS X C   1 
ATOM   312 O O   . CYS A 1 39 ? -5.657  -0.498  5.209   1.00 14.52 ? 39  CYS X O   1 
ATOM   313 C CB  . CYS A 1 39 ? -4.458  -1.789  2.737   1.00 13.62 ? 39  CYS X CB  1 
ATOM   314 S SG  . CYS A 1 39 ? -3.734  -1.839  1.084   1.00 14.70 ? 39  CYS X SG  1 
ATOM   315 N N   . TYR A 1 40 ? -7.327  -1.768  4.458   1.00 14.46 ? 40  TYR X N   1 
ATOM   316 C CA  . TYR A 1 40 ? -7.786  -2.063  5.807   1.00 14.83 ? 40  TYR X CA  1 
ATOM   317 C C   . TYR A 1 40 ? -7.197  -3.377  6.242   1.00 14.83 ? 40  TYR X C   1 
ATOM   318 O O   . TYR A 1 40 ? -7.414  -4.392  5.581   1.00 16.63 ? 40  TYR X O   1 
ATOM   319 C CB  . TYR A 1 40 ? -9.329  -2.125  5.861   1.00 14.81 ? 40  TYR X CB  1 
ATOM   320 C CG  . TYR A 1 40 ? -9.894  -0.738  5.916   1.00 14.66 ? 40  TYR X CG  1 
ATOM   321 C CD1 . TYR A 1 40 ? -10.007 -0.077  7.138   1.00 16.34 ? 40  TYR X CD1 1 
ATOM   322 C CD2 . TYR A 1 40 ? -10.242 -0.085  4.768   1.00 17.87 ? 40  TYR X CD2 1 
ATOM   323 C CE1 . TYR A 1 40 ? -10.495 1.210   7.212   1.00 19.88 ? 40  TYR X CE1 1 
ATOM   324 C CE2 . TYR A 1 40 ? -10.713 1.225   4.819   1.00 19.71 ? 40  TYR X CE2 1 
ATOM   325 C CZ  . TYR A 1 40 ? -10.837 1.846   6.048   1.00 18.72 ? 40  TYR X CZ  1 
ATOM   326 O OH  . TYR A 1 40 ? -11.311 3.142   6.115   1.00 23.40 ? 40  TYR X OH  1 
ATOM   327 N N   . LEU A 1 41 ? -6.411  -3.355  7.309   1.00 14.84 ? 41  LEU X N   1 
ATOM   328 C CA  . LEU A 1 41 ? -5.644  -4.541  7.723   1.00 16.45 ? 41  LEU X CA  1 
ATOM   329 C C   . LEU A 1 41 ? -5.768  -4.740  9.205   1.00 18.12 ? 41  LEU X C   1 
ATOM   330 O O   . LEU A 1 41 ? -5.845  -3.765  9.993   1.00 18.90 ? 41  LEU X O   1 
ATOM   331 C CB  . LEU A 1 41 ? -4.141  -4.385  7.399   1.00 15.12 ? 41  LEU X CB  1 
ATOM   332 C CG  . LEU A 1 41 ? -3.786  -4.028  5.945   1.00 14.59 ? 41  LEU X CG  1 
ATOM   333 C CD1 . LEU A 1 41 ? -2.346  -3.466  5.869   1.00 15.02 ? 41  LEU X CD1 1 
ATOM   334 C CD2 . LEU A 1 41 ? -4.029  -5.155  4.989   1.00 14.91 ? 41  LEU X CD2 1 
ATOM   335 N N   . ASP A 1 42 ? -5.758  -6.003  9.606   1.00 20.43 ? 42  ASP X N   1 
ATOM   336 C CA  . ASP A 1 42 ? -5.456  -6.300  10.994  1.00 22.13 ? 42  ASP X CA  1 
ATOM   337 C C   . ASP A 1 42 ? -4.062  -6.930  11.064  1.00 23.25 ? 42  ASP X C   1 
ATOM   338 O O   . ASP A 1 42 ? -3.356  -7.002  10.052  1.00 22.52 ? 42  ASP X O   1 
ATOM   339 C CB  . ASP A 1 42 ? -6.536  -7.210  11.601  1.00 22.13 ? 42  ASP X CB  1 
ATOM   340 C CG  . ASP A 1 42 ? -6.714  -8.496  10.844  1.00 24.80 ? 42  ASP X CG  1 
ATOM   341 O OD1 . ASP A 1 42 ? -7.734  -9.175  11.108  1.00 27.79 ? 42  ASP X OD1 1 
ATOM   342 O OD2 . ASP A 1 42 ? -5.911  -8.929  9.967   1.00 22.65 ? 42  ASP X OD2 1 
ATOM   343 N N   . GLU A 1 43 ? -3.644  -7.364  12.255  1.00 23.88 ? 43  GLU X N   1 
ATOM   344 C CA  . GLU A 1 43 ? -2.315  -7.940  12.403  1.00 24.95 ? 43  GLU X CA  1 
ATOM   345 C C   . GLU A 1 43 ? -2.032  -9.070  11.416  1.00 23.55 ? 43  GLU X C   1 
ATOM   346 O O   . GLU A 1 43 ? -0.959  -9.106  10.812  1.00 22.87 ? 43  GLU X O   1 
ATOM   347 C CB  . GLU A 1 43 ? -2.057  -8.402  13.845  1.00 26.04 ? 43  GLU X CB  1 
ATOM   348 C CG  . GLU A 1 43 ? -0.637  -8.084  14.304  1.00 31.58 ? 43  GLU X CG  1 
ATOM   349 C CD  . GLU A 1 43 ? -0.307  -6.589  14.241  1.00 38.23 ? 43  GLU X CD  1 
ATOM   350 O OE1 . GLU A 1 43 ? 0.816   -6.225  13.783  1.00 39.59 ? 43  GLU X OE1 1 
ATOM   351 O OE2 . GLU A 1 43 ? -1.169  -5.774  14.653  1.00 42.28 ? 43  GLU X OE2 1 
ATOM   352 N N   . ARG A 1 44 ? -3.004  -9.961  11.232  1.00 22.60 ? 44  ARG X N   1 
ATOM   353 C CA  . ARG A 1 44 ? -2.809  -11.115 10.379  1.00 22.02 ? 44  ARG X CA  1 
ATOM   354 C C   . ARG A 1 44 ? -2.654  -10.719 8.892   1.00 20.60 ? 44  ARG X C   1 
ATOM   355 O O   . ARG A 1 44 ? -1.759  -11.207 8.172   1.00 20.63 ? 44  ARG X O   1 
ATOM   356 C CB  . ARG A 1 44 ? -3.977  -12.077 10.538  1.00 23.37 ? 44  ARG X CB  1 
ATOM   357 C CG  . ARG A 1 44 ? -3.842  -13.269 9.594   1.00 25.45 ? 44  ARG X CG  1 
ATOM   358 C CD  . ARG A 1 44 ? -5.086  -14.151 9.448   1.00 32.94 ? 44  ARG X CD  1 
ATOM   359 N NE  . ARG A 1 44 ? -6.208  -13.527 8.731   1.00 35.99 ? 44  ARG X NE  1 
ATOM   360 C CZ  . ARG A 1 44 ? -6.355  -13.494 7.408   1.00 38.27 ? 44  ARG X CZ  1 
ATOM   361 N NH1 . ARG A 1 44 ? -5.432  -14.019 6.599   1.00 40.80 ? 44  ARG X NH1 1 
ATOM   362 N NH2 . ARG A 1 44 ? -7.433  -12.914 6.887   1.00 39.73 ? 44  ARG X NH2 1 
ATOM   363 N N   . LEU A 1 45 ? -3.524  -9.821  8.446   1.00 19.26 ? 45  LEU X N   1 
ATOM   364 C CA  . LEU A 1 45 ? -3.458  -9.378  7.061   1.00 17.29 ? 45  LEU X CA  1 
ATOM   365 C C   . LEU A 1 45 ? -2.227  -8.531  6.811   1.00 17.46 ? 45  LEU X C   1 
ATOM   366 O O   . LEU A 1 45 ? -1.666  -8.549  5.713   1.00 15.59 ? 45  LEU X O   1 
ATOM   367 C CB  . LEU A 1 45 ? -4.705  -8.590  6.672   1.00 18.25 ? 45  LEU X CB  1 
ATOM   368 C CG  . LEU A 1 45 ? -5.994  -9.373  6.434   1.00 20.73 ? 45  LEU X CG  1 
ATOM   369 C CD1 . LEU A 1 45 ? -7.155  -8.374  6.312   1.00 23.57 ? 45  LEU X CD1 1 
ATOM   370 C CD2 . LEU A 1 45 ? -5.911  -10.258 5.192   1.00 20.91 ? 45  LEU X CD2 1 
ATOM   371 N N   . LEU A 1 46 ? -1.831  -7.767  7.804   1.00 16.18 ? 46  LEU X N   1 
ATOM   372 C CA  . LEU A 1 46 ? -0.608  -6.948  7.666   1.00 15.36 ? 46  LEU X CA  1 
ATOM   373 C C   . LEU A 1 46 ? 0.604   -7.856  7.472   1.00 15.58 ? 46  LEU X C   1 
ATOM   374 O O   . LEU A 1 46 ? 1.420   -7.654  6.570   1.00 15.31 ? 46  LEU X O   1 
ATOM   375 C CB  . LEU A 1 46 ? -0.472  -6.009  8.868   1.00 16.24 ? 46  LEU X CB  1 
ATOM   376 C CG  . LEU A 1 46 ? 0.786   -5.164  9.019   1.00 17.46 ? 46  LEU X CG  1 
ATOM   377 C CD1 . LEU A 1 46 ? 0.966   -4.309  7.761   1.00 17.39 ? 46  LEU X CD1 1 
ATOM   378 C CD2 . LEU A 1 46 ? 0.612   -4.306  10.255  1.00 17.13 ? 46  LEU X CD2 1 
ATOM   379 N N   . GLU A 1 47 ? 0.719   -8.886  8.309   1.00 14.66 ? 47  GLU X N   1 
ATOM   380 C CA  . GLU A 1 47 ? 1.818   -9.828  8.177   1.00 15.28 ? 47  GLU X CA  1 
ATOM   381 C C   . GLU A 1 47 ? 1.786   -10.509 6.806   1.00 14.79 ? 47  GLU X C   1 
ATOM   382 O O   . GLU A 1 47 ? 2.816   -10.719 6.202   1.00 13.90 ? 47  GLU X O   1 
ATOM   383 C CB  . GLU A 1 47 ? 1.700   -10.871 9.289   1.00 16.68 ? 47  GLU X CB  1 
ATOM   384 C CG  . GLU A 1 47 ? 2.833   -11.855 9.254   1.00 18.85 ? 47  GLU X CG  1 
ATOM   385 C CD  . GLU A 1 47 ? 2.658   -13.002 10.232  1.00 23.56 ? 47  GLU X CD  1 
ATOM   386 O OE1 . GLU A 1 47 ? 3.611   -13.249 10.974  1.00 26.50 ? 47  GLU X OE1 1 
ATOM   387 O OE2 . GLU A 1 47 ? 1.585   -13.639 10.245  1.00 28.12 ? 47  GLU X OE2 1 
ATOM   388 N N   . ASP A 1 48 ? 0.586   -10.849 6.329   1.00 14.25 ? 48  ASP X N   1 
ATOM   389 C CA  . ASP A 1 48 ? 0.429   -11.511 5.045   1.00 13.99 ? 48  ASP X CA  1 
ATOM   390 C C   . ASP A 1 48 ? 0.886   -10.603 3.902   1.00 13.94 ? 48  ASP X C   1 
ATOM   391 O O   . ASP A 1 48 ? 1.601   -11.041 2.974   1.00 13.83 ? 48  ASP X O   1 
ATOM   392 C CB  . ASP A 1 48 ? -1.030  -11.898 4.828   1.00 14.83 ? 48  ASP X CB  1 
ATOM   393 C CG  . ASP A 1 48 ? -1.237  -12.747 3.579   1.00 19.83 ? 48  ASP X CG  1 
ATOM   394 O OD1 . ASP A 1 48 ? -2.019  -12.341 2.691   1.00 24.23 ? 48  ASP X OD1 1 
ATOM   395 O OD2 . ASP A 1 48 ? -0.662  -13.851 3.411   1.00 23.61 ? 48  ASP X OD2 1 
ATOM   396 N N   . LEU A 1 49 ? 0.460   -9.340  3.980   1.00 14.34 ? 49  LEU X N   1 
ATOM   397 C CA  . LEU A 1 49 ? 0.906   -8.337  3.007   1.00 13.49 ? 49  LEU X CA  1 
ATOM   398 C C   . LEU A 1 49 ? 2.439   -8.231  2.996   1.00 13.50 ? 49  LEU X C   1 
ATOM   399 O O   . LEU A 1 49 ? 3.046   -8.263  1.920   1.00 13.04 ? 49  LEU X O   1 
ATOM   400 C CB  . LEU A 1 49 ? 0.239   -6.978  3.294   1.00 14.17 ? 49  LEU X CB  1 
ATOM   401 C CG  . LEU A 1 49 ? 0.469   -5.809  2.314   1.00 16.80 ? 49  LEU X CG  1 
ATOM   402 C CD1 . LEU A 1 49 ? -0.592  -4.722  2.548   1.00 18.55 ? 49  LEU X CD1 1 
ATOM   403 C CD2 . LEU A 1 49 ? 1.832   -5.209  2.440   1.00 19.40 ? 49  LEU X CD2 1 
ATOM   404 N N   . ARG A 1 50 ? 3.058   -8.096  4.170   1.00 13.86 ? 50  ARG X N   1 
ATOM   405 C CA  . ARG A 1 50 ? 4.525   -8.010  4.208   1.00 14.99 ? 50  ARG X CA  1 
ATOM   406 C C   . ARG A 1 50 ? 5.196   -9.230  3.634   1.00 15.36 ? 50  ARG X C   1 
ATOM   407 O O   . ARG A 1 50 ? 6.141   -9.116  2.830   1.00 14.94 ? 50  ARG X O   1 
ATOM   408 C CB  . ARG A 1 50 ? 5.045   -7.797  5.612   1.00 16.12 ? 50  ARG X CB  1 
ATOM   409 C CG  . ARG A 1 50 ? 4.682   -6.474  6.233   1.00 15.89 ? 50  ARG X CG  1 
ATOM   410 C CD  . ARG A 1 50 ? 5.613   -6.157  7.394   1.00 15.55 ? 50  ARG X CD  1 
ATOM   411 N NE  . ARG A 1 50 ? 5.626   -7.346  8.249   1.00 16.32 ? 50  ARG X NE  1 
ATOM   412 C CZ  . ARG A 1 50 ? 4.887   -7.499  9.347   1.00 15.72 ? 50  ARG X CZ  1 
ATOM   413 N NH1 . ARG A 1 50 ? 4.927   -8.665  9.997   1.00 15.20 ? 50  ARG X NH1 1 
ATOM   414 N NH2 . ARG A 1 50 ? 4.140   -6.504  9.830   1.00 15.34 ? 50  ARG X NH2 1 
ATOM   415 N N   . ARG A 1 51 ? 4.708   -10.408 4.028   1.00 14.88 ? 51  ARG X N   1 
ATOM   416 C CA  . ARG A 1 51 ? 5.276   -11.656 3.565   1.00 15.02 ? 51  ARG X CA  1 
ATOM   417 C C   . ARG A 1 51 ? 5.238   -11.757 2.044   1.00 15.80 ? 51  ARG X C   1 
ATOM   418 O O   . ARG A 1 51 ? 6.240   -12.138 1.419   1.00 17.15 ? 51  ARG X O   1 
ATOM   419 C CB  . ARG A 1 51 ? 4.527   -12.821 4.220   1.00 16.25 ? 51  ARG X CB  1 
ATOM   420 C CG  A ARG A 1 51 ? 4.678   -14.197 3.600   0.65 18.74 ? 51  ARG X CG  1 
ATOM   421 C CG  B ARG A 1 51 ? 5.280   -14.130 4.143   0.35 16.21 ? 51  ARG X CG  1 
ATOM   422 C CD  A ARG A 1 51 ? 3.597   -15.245 4.054   0.65 18.55 ? 51  ARG X CD  1 
ATOM   423 C CD  B ARG A 1 51 ? 4.435   -15.342 4.518   0.35 15.74 ? 51  ARG X CD  1 
ATOM   424 N NE  A ARG A 1 51 ? 3.159   -15.134 5.454   0.65 23.86 ? 51  ARG X NE  1 
ATOM   425 N NE  B ARG A 1 51 ? 3.568   -15.052 5.657   0.35 20.76 ? 51  ARG X NE  1 
ATOM   426 C CZ  A ARG A 1 51 ? 3.921   -15.428 6.521   0.65 20.99 ? 51  ARG X CZ  1 
ATOM   427 C CZ  B ARG A 1 51 ? 2.241   -14.953 5.607   0.35 18.58 ? 51  ARG X CZ  1 
ATOM   428 N NH1 A ARG A 1 51 ? 3.451   -15.293 7.760   0.65 19.46 ? 51  ARG X NH1 1 
ATOM   429 N NH1 B ARG A 1 51 ? 1.581   -14.676 6.722   0.35 15.92 ? 51  ARG X NH1 1 
ATOM   430 N NH2 A ARG A 1 51 ? 5.168   -15.844 6.342   0.65 21.30 ? 51  ARG X NH2 1 
ATOM   431 N NH2 B ARG A 1 51 ? 1.575   -15.132 4.461   0.35 17.70 ? 51  ARG X NH2 1 
ATOM   432 N N   . ARG A 1 52 ? 4.111   -11.369 1.452   1.00 13.43 ? 52  ARG X N   1 
ATOM   433 C CA  . ARG A 1 52 ? 3.940   -11.469 0.006   1.00 14.19 ? 52  ARG X CA  1 
ATOM   434 C C   . ARG A 1 52 ? 4.701   -10.356 -0.699  1.00 14.50 ? 52  ARG X C   1 
ATOM   435 O O   . ARG A 1 52 ? 5.242   -10.591 -1.779  1.00 15.10 ? 52  ARG X O   1 
ATOM   436 C CB  . ARG A 1 52 ? 2.442   -11.472 -0.332  1.00 14.10 ? 52  ARG X CB  1 
ATOM   437 C CG  . ARG A 1 52 ? 1.750   -12.741 0.228   1.00 15.56 ? 52  ARG X CG  1 
ATOM   438 C CD  . ARG A 1 52 ? 0.283   -12.876 -0.026  1.00 22.03 ? 52  ARG X CD  1 
ATOM   439 N NE  . ARG A 1 52 ? -0.021  -13.105 -1.436  1.00 30.94 ? 52  ARG X NE  1 
ATOM   440 C CZ  . ARG A 1 52 ? -1.243  -12.946 -1.951  1.00 35.73 ? 52  ARG X CZ  1 
ATOM   441 N NH1 . ARG A 1 52 ? -2.258  -12.560 -1.171  1.00 38.77 ? 52  ARG X NH1 1 
ATOM   442 N NH2 . ARG A 1 52 ? -1.451  -13.161 -3.239  1.00 39.74 ? 52  ARG X NH2 1 
ATOM   443 N N   . ALA A 1 53 ? 4.737   -9.164  -0.105  1.00 14.83 ? 53  ALA X N   1 
ATOM   444 C CA  . ALA A 1 53 ? 5.467   -8.044  -0.726  1.00 15.58 ? 53  ALA X CA  1 
ATOM   445 C C   . ALA A 1 53 ? 6.962   -8.371  -0.760  1.00 16.95 ? 53  ALA X C   1 
ATOM   446 O O   . ALA A 1 53 ? 7.637   -8.150  -1.749  1.00 15.71 ? 53  ALA X O   1 
ATOM   447 C CB  . ALA A 1 53 ? 5.213   -6.739  0.025   1.00 15.16 ? 53  ALA X CB  1 
ATOM   448 N N   . ARG A 1 54 ? 7.440   -9.004  0.305   1.00 18.03 ? 54  ARG X N   1 
ATOM   449 C CA  . ARG A 1 54 ? 8.846   -9.387  0.353   1.00 20.19 ? 54  ARG X CA  1 
ATOM   450 C C   . ARG A 1 54 ? 9.270   -10.341 -0.753  1.00 20.54 ? 54  ARG X C   1 
ATOM   451 O O   . ARG A 1 54 ? 10.438  -10.317 -1.170  1.00 22.64 ? 54  ARG X O   1 
ATOM   452 C CB  . ARG A 1 54 ? 9.124   -10.039 1.686   1.00 19.55 ? 54  ARG X CB  1 
ATOM   453 C CG  . ARG A 1 54 ? 9.194   -9.098  2.818   1.00 19.28 ? 54  ARG X CG  1 
ATOM   454 C CD  . ARG A 1 54 ? 9.447   -9.897  4.091   1.00 23.06 ? 54  ARG X CD  1 
ATOM   455 N NE  . ARG A 1 54 ? 9.318   -9.127  5.304   1.00 23.82 ? 54  ARG X NE  1 
ATOM   456 C CZ  . ARG A 1 54 ? 10.249  -8.306  5.740   1.00 23.79 ? 54  ARG X CZ  1 
ATOM   457 N NH1 . ARG A 1 54 ? 11.367  -8.127  5.045   1.00 26.87 ? 54  ARG X NH1 1 
ATOM   458 N NH2 . ARG A 1 54 ? 10.064  -7.653  6.867   1.00 25.63 ? 54  ARG X NH2 1 
ATOM   459 N N   . ARG A 1 55 ? 8.381   -11.206 -1.214  1.00 21.16 ? 55  ARG X N   1 
ATOM   460 C CA  . ARG A 1 55 ? 8.728   -12.114 -2.300  1.00 21.84 ? 55  ARG X CA  1 
ATOM   461 C C   . ARG A 1 55 ? 9.010   -11.306 -3.558  1.00 22.27 ? 55  ARG X C   1 
ATOM   462 O O   . ARG A 1 55 ? 9.818   -11.726 -4.379  1.00 23.16 ? 55  ARG X O   1 
ATOM   463 C CB  . ARG A 1 55 ? 7.653   -13.177 -2.592  1.00 22.06 ? 55  ARG X CB  1 
ATOM   464 C CG  . ARG A 1 55 ? 7.242   -14.023 -1.406  1.00 22.94 ? 55  ARG X CG  1 
ATOM   465 C CD  . ARG A 1 55 ? 6.128   -15.040 -1.691  1.00 25.07 ? 55  ARG X CD  1 
ATOM   466 N NE  . ARG A 1 55 ? 5.981   -15.966 -0.569  1.00 27.56 ? 55  ARG X NE  1 
ATOM   467 C CZ  . ARG A 1 55 ? 4.831   -16.436 -0.118  1.00 24.58 ? 55  ARG X CZ  1 
ATOM   468 N NH1 . ARG A 1 55 ? 3.694   -16.080 -0.707  1.00 26.97 ? 55  ARG X NH1 1 
ATOM   469 N NH2 . ARG A 1 55 ? 4.818   -17.252 0.939   1.00 27.59 ? 55  ARG X NH2 1 
ATOM   470 N N   . LEU A 1 56 ? 8.348   -10.148 -3.693  1.00 20.81 ? 56  LEU X N   1 
ATOM   471 C CA  . LEU A 1 56 ? 8.344   -9.393  -4.953  1.00 21.30 ? 56  LEU X CA  1 
ATOM   472 C C   . LEU A 1 56 ? 9.404   -8.330  -5.071  1.00 21.23 ? 56  LEU X C   1 
ATOM   473 O O   . LEU A 1 56 ? 9.853   -8.047  -6.196  1.00 21.70 ? 56  LEU X O   1 
ATOM   474 C CB  . LEU A 1 56 ? 6.987   -8.698  -5.156  1.00 21.08 ? 56  LEU X CB  1 
ATOM   475 C CG  . LEU A 1 56 ? 5.752   -9.592  -5.239  1.00 22.47 ? 56  LEU X CG  1 
ATOM   476 C CD1 . LEU A 1 56 ? 4.468   -8.762  -5.313  1.00 22.79 ? 56  LEU X CD1 1 
ATOM   477 C CD2 . LEU A 1 56 ? 5.814   -10.563 -6.397  1.00 24.89 ? 56  LEU X CD2 1 
ATOM   478 N N   . LEU A 1 57 ? 9.751   -7.709  -3.955  1.00 19.66 ? 57  LEU X N   1 
ATOM   479 C CA  . LEU A 1 57 ? 10.607  -6.509  -3.953  1.00 19.97 ? 57  LEU X CA  1 
ATOM   480 C C   . LEU A 1 57 ? 12.081  -6.844  -4.070  1.00 19.33 ? 57  LEU X C   1 
ATOM   481 O O   . LEU A 1 57 ? 12.537  -7.875  -3.559  1.00 21.25 ? 57  LEU X O   1 
ATOM   482 C CB  . LEU A 1 57 ? 10.407  -5.680  -2.675  1.00 21.15 ? 57  LEU X CB  1 
ATOM   483 C CG  . LEU A 1 57 ? 9.011   -5.212  -2.219  1.00 23.56 ? 57  LEU X CG  1 
ATOM   484 C CD1 . LEU A 1 57 ? 8.981   -4.965  -0.717  1.00 29.66 ? 57  LEU X CD1 1 
ATOM   485 C CD2 . LEU A 1 57 ? 8.649   -3.976  -2.917  1.00 24.01 ? 57  LEU X CD2 1 
ATOM   486 N N   . ASP A 1 58 ? 12.830  -5.948  -4.702  1.00 18.28 ? 58  ASP X N   1 
ATOM   487 C CA  . ASP A 1 58 ? 14.283  -5.966  -4.674  1.00 19.89 ? 58  ASP X CA  1 
ATOM   488 C C   . ASP A 1 58 ? 14.658  -5.067  -3.522  1.00 20.76 ? 58  ASP X C   1 
ATOM   489 O O   . ASP A 1 58 ? 14.584  -3.847  -3.625  1.00 19.58 ? 58  ASP X O   1 
ATOM   490 C CB  . ASP A 1 58 ? 14.818  -5.381  -5.979  1.00 19.92 ? 58  ASP X CB  1 
ATOM   491 C CG  . ASP A 1 58 ? 16.347  -5.436  -6.090  1.00 24.76 ? 58  ASP X CG  1 
ATOM   492 O OD1 . ASP A 1 58 ? 17.062  -5.006  -5.162  1.00 29.54 ? 58  ASP X OD1 1 
ATOM   493 O OD2 . ASP A 1 58 ? 16.902  -5.869  -7.110  1.00 26.15 ? 58  ASP X OD2 1 
ATOM   494 N N   . LEU A 1 59 ? 15.031  -5.630  -2.380  1.00 23.39 ? 59  LEU X N   1 
ATOM   495 C CA  . LEU A 1 59 ? 15.111  -4.732  -1.206  1.00 24.55 ? 59  LEU X CA  1 
ATOM   496 C C   . LEU A 1 59 ? 16.362  -3.825  -1.200  1.00 24.55 ? 59  LEU X C   1 
ATOM   497 O O   . LEU A 1 59 ? 16.471  -2.928  -0.368  1.00 25.78 ? 59  LEU X O   1 
ATOM   498 C CB  . LEU A 1 59 ? 14.803  -5.456  0.134   1.00 26.46 ? 59  LEU X CB  1 
ATOM   499 C CG  . LEU A 1 59 ? 13.310  -5.797  0.396   1.00 26.56 ? 59  LEU X CG  1 
ATOM   500 C CD1 . LEU A 1 59 ? 12.934  -5.827  1.879   1.00 27.92 ? 59  LEU X CD1 1 
ATOM   501 C CD2 . LEU A 1 59 ? 12.324  -4.883  -0.311  1.00 30.16 ? 59  LEU X CD2 1 
ATOM   502 N N   . GLY A 1 60 ? 17.240  -4.009  -2.183  1.00 22.66 ? 60  GLY X N   1 
ATOM   503 C CA  . GLY A 1 60 ? 18.304  -3.056  -2.448  1.00 22.55 ? 60  GLY X CA  1 
ATOM   504 C C   . GLY A 1 60 ? 17.924  -1.866  -3.319  1.00 20.93 ? 60  GLY X C   1 
ATOM   505 O O   . GLY A 1 60 ? 18.664  -0.877  -3.347  1.00 22.15 ? 60  GLY X O   1 
ATOM   506 N N   . GLN A 1 61 ? 16.792  -1.949  -4.025  1.00 19.21 ? 61  GLN X N   1 
ATOM   507 C CA  . GLN A 1 61 ? 16.353  -0.865  -4.921  1.00 18.69 ? 61  GLN X CA  1 
ATOM   508 C C   . GLN A 1 61 ? 14.994  -0.254  -4.560  1.00 16.68 ? 61  GLN X C   1 
ATOM   509 O O   . GLN A 1 61 ? 14.723  0.903   -4.931  1.00 17.07 ? 61  GLN X O   1 
ATOM   510 C CB  . GLN A 1 61 ? 16.254  -1.329  -6.370  1.00 19.56 ? 61  GLN X CB  1 
ATOM   511 C CG  . GLN A 1 61 ? 17.574  -1.640  -7.041  1.00 24.20 ? 61  GLN X CG  1 
ATOM   512 C CD  . GLN A 1 61 ? 17.446  -1.870  -8.562  1.00 31.00 ? 61  GLN X CD  1 
ATOM   513 O OE1 . GLN A 1 61 ? 18.450  -2.154  -9.223  1.00 38.27 ? 61  GLN X OE1 1 
ATOM   514 N NE2 . GLN A 1 61 ? 16.230  -1.748  -9.115  1.00 34.00 ? 61  GLN X NE2 1 
ATOM   515 N N   . ASP A 1 62 ? 14.148  -1.038  -3.920  1.00 14.63 ? 62  ASP X N   1 
ATOM   516 C CA  . ASP A 1 62 ? 12.717  -0.711  -3.788  1.00 13.18 ? 62  ASP X CA  1 
ATOM   517 C C   . ASP A 1 62 ? 12.428  -0.225  -2.391  1.00 14.29 ? 62  ASP X C   1 
ATOM   518 O O   . ASP A 1 62 ? 13.147  -0.588  -1.440  1.00 13.70 ? 62  ASP X O   1 
ATOM   519 C CB  . ASP A 1 62 ? 11.898  -1.982  -3.989  1.00 13.39 ? 62  ASP X CB  1 
ATOM   520 C CG  . ASP A 1 62 ? 11.954  -2.502  -5.386  1.00 13.43 ? 62  ASP X CG  1 
ATOM   521 O OD1 . ASP A 1 62 ? 12.421  -1.771  -6.312  1.00 12.66 ? 62  ASP X OD1 1 
ATOM   522 O OD2 . ASP A 1 62 ? 11.545  -3.633  -5.647  1.00 12.60 ? 62  ASP X OD2 1 
ATOM   523 N N   . ALA A 1 63 ? 11.389  0.599   -2.255  1.00 13.97 ? 63  ALA X N   1 
ATOM   524 C CA  . ALA A 1 63 ? 10.926  1.049   -0.940  1.00 13.65 ? 63  ALA X CA  1 
ATOM   525 C C   . ALA A 1 63 ? 9.430   0.859   -0.801  1.00 13.77 ? 63  ALA X C   1 
ATOM   526 O O   . ALA A 1 63 ? 8.666   1.210   -1.679  1.00 14.09 ? 63  ALA X O   1 
ATOM   527 C CB  . ALA A 1 63 ? 11.240  2.506   -0.769  1.00 14.97 ? 63  ALA X CB  1 
ATOM   528 N N   . LEU A 1 64 ? 9.009   0.373   0.358   1.00 13.80 ? 64  LEU X N   1 
ATOM   529 C CA  . LEU A 1 64 ? 7.601   0.244   0.675   1.00 14.03 ? 64  LEU X CA  1 
ATOM   530 C C   . LEU A 1 64 ? 7.418   0.742   2.098   1.00 13.19 ? 64  LEU X C   1 
ATOM   531 O O   . LEU A 1 64 ? 8.080   0.249   3.027   1.00 14.02 ? 64  LEU X O   1 
ATOM   532 C CB  . LEU A 1 64 ? 7.152   -1.232  0.547   1.00 15.54 ? 64  LEU X CB  1 
ATOM   533 C CG  . LEU A 1 64 ? 5.668   -1.547  0.736   1.00 15.78 ? 64  LEU X CG  1 
ATOM   534 C CD1 . LEU A 1 64 ? 5.375   -3.042  0.508   1.00 23.46 ? 64  LEU X CD1 1 
ATOM   535 C CD2 . LEU A 1 64 ? 5.144   -1.220  2.085   1.00 19.82 ? 64  LEU X CD2 1 
ATOM   536 N N   . ARG A 1 65 ? 6.534   1.723   2.273   1.00 11.04 ? 65  ARG X N   1 
ATOM   537 C CA  . ARG A 1 65 ? 6.260   2.229   3.616   1.00 11.93 ? 65  ARG X CA  1 
ATOM   538 C C   . ARG A 1 65 ? 4.817   2.003   3.976   1.00 12.39 ? 65  ARG X C   1 
ATOM   539 O O   . ARG A 1 65 ? 3.925   2.275   3.177   1.00 11.98 ? 65  ARG X O   1 
ATOM   540 C CB  . ARG A 1 65 ? 6.620   3.711   3.727   1.00 13.71 ? 65  ARG X CB  1 
ATOM   541 C CG  . ARG A 1 65 ? 8.094   3.969   3.409   1.00 15.42 ? 65  ARG X CG  1 
ATOM   542 C CD  . ARG A 1 65 ? 8.491   5.469   3.466   1.00 17.67 ? 65  ARG X CD  1 
ATOM   543 N NE  . ARG A 1 65 ? 8.751   5.890   4.840   1.00 17.73 ? 65  ARG X NE  1 
ATOM   544 C CZ  . ARG A 1 65 ? 9.940   5.756   5.447   1.00 18.73 ? 65  ARG X CZ  1 
ATOM   545 N NH1 . ARG A 1 65 ? 10.098  6.137   6.718   1.00 19.64 ? 65  ARG X NH1 1 
ATOM   546 N NH2 . ARG A 1 65 ? 10.952  5.203   4.782   1.00 18.25 ? 65  ARG X NH2 1 
ATOM   547 N N   . ILE A 1 66 ? 4.582   1.527   5.195   1.00 11.98 ? 66  ILE X N   1 
ATOM   548 C CA  . ILE A 1 66 ? 3.225   1.221   5.648   1.00 13.25 ? 66  ILE X CA  1 
ATOM   549 C C   . ILE A 1 66 ? 2.891   2.080   6.852   1.00 13.17 ? 66  ILE X C   1 
ATOM   550 O O   . ILE A 1 66 ? 3.545   1.965   7.906   1.00 14.35 ? 66  ILE X O   1 
ATOM   551 C CB  . ILE A 1 66 ? 3.124   -0.285  6.018   1.00 14.12 ? 66  ILE X CB  1 
ATOM   552 C CG1 . ILE A 1 66 ? 3.408   -1.125  4.796   1.00 14.39 ? 66  ILE X CG1 1 
ATOM   553 C CG2 . ILE A 1 66 ? 1.743   -0.584  6.511   1.00 14.64 ? 66  ILE X CG2 1 
ATOM   554 C CD1 . ILE A 1 66 ? 3.690   -2.664  5.100   1.00 16.14 ? 66  ILE X CD1 1 
ATOM   555 N N   . TYR A 1 67 ? 1.888   2.945   6.695   1.00 11.69 ? 67  TYR X N   1 
ATOM   556 C CA  . TYR A 1 67 ? 1.503   3.898   7.739   1.00 12.22 ? 67  TYR X CA  1 
ATOM   557 C C   . TYR A 1 67 ? 0.174   3.545   8.362   1.00 12.46 ? 67  TYR X C   1 
ATOM   558 O O   . TYR A 1 67 ? -0.844  3.625   7.684   1.00 12.75 ? 67  TYR X O   1 
ATOM   559 C CB  . TYR A 1 67 ? 1.327   5.288   7.139   1.00 11.57 ? 67  TYR X CB  1 
ATOM   560 C CG  . TYR A 1 67 ? 2.634   5.899   6.642   1.00 12.36 ? 67  TYR X CG  1 
ATOM   561 C CD1 . TYR A 1 67 ? 3.491   6.548   7.531   1.00 11.58 ? 67  TYR X CD1 1 
ATOM   562 C CD2 . TYR A 1 67 ? 2.970   5.862   5.286   1.00 10.65 ? 67  TYR X CD2 1 
ATOM   563 C CE1 . TYR A 1 67 ? 4.712   7.119   7.081   1.00 12.21 ? 67  TYR X CE1 1 
ATOM   564 C CE2 . TYR A 1 67 ? 4.167   6.410   4.839   1.00 13.21 ? 67  TYR X CE2 1 
ATOM   565 C CZ  . TYR A 1 67 ? 5.006   7.051   5.733   1.00 13.69 ? 67  TYR X CZ  1 
ATOM   566 O OH  . TYR A 1 67 ? 6.188   7.596   5.277   1.00 15.34 ? 67  TYR X OH  1 
ATOM   567 N N   . PRO A 1 68 ? 0.136   3.252   9.659   1.00 12.85 ? 68  PRO X N   1 
ATOM   568 C CA  . PRO A 1 68 ? -1.171  3.099   10.313  1.00 13.86 ? 68  PRO X CA  1 
ATOM   569 C C   . PRO A 1 68 ? -1.807  4.464   10.490  1.00 13.69 ? 68  PRO X C   1 
ATOM   570 O O   . PRO A 1 68 ? -1.137  5.382   10.979  1.00 14.90 ? 68  PRO X O   1 
ATOM   571 C CB  . PRO A 1 68 ? -0.838  2.448   11.667  1.00 14.78 ? 68  PRO X CB  1 
ATOM   572 C CG  . PRO A 1 68 ? 0.640   2.563   11.852  1.00 15.44 ? 68  PRO X CG  1 
ATOM   573 C CD  . PRO A 1 68 ? 1.289   3.103   10.582  1.00 13.70 ? 68  PRO X CD  1 
ATOM   574 N N   . VAL A 1 69 ? -3.058  4.624   10.074  1.00 13.94 ? 69  VAL X N   1 
ATOM   575 C CA  . VAL A 1 69 ? -3.693  5.946   10.034  1.00 15.02 ? 69  VAL X CA  1 
ATOM   576 C C   . VAL A 1 69 ? -4.625  6.071   11.228  1.00 17.35 ? 69  VAL X C   1 
ATOM   577 O O   . VAL A 1 69 ? -5.298  5.115   11.590  1.00 18.82 ? 69  VAL X O   1 
ATOM   578 C CB  . VAL A 1 69 ? -4.512  6.128   8.753   1.00 14.44 ? 69  VAL X CB  1 
ATOM   579 C CG1 . VAL A 1 69 ? -5.273  7.458   8.762   1.00 16.55 ? 69  VAL X CG1 1 
ATOM   580 C CG2 . VAL A 1 69 ? -3.589  6.026   7.530   1.00 16.72 ? 69  VAL X CG2 1 
ATOM   581 N N   . ALA A 1 70 ? -4.619  7.227   11.863  1.00 19.58 ? 70  ALA X N   1 
ATOM   582 C CA  . ALA A 1 70 ? -5.603  7.450   12.912  1.00 22.16 ? 70  ALA X CA  1 
ATOM   583 C C   . ALA A 1 70 ? -5.941  8.889   12.923  1.00 22.66 ? 70  ALA X C   1 
ATOM   584 O O   . ALA A 1 70 ? -5.118  9.744   13.272  1.00 24.45 ? 70  ALA X O   1 
ATOM   585 C CB  . ALA A 1 70 ? -5.111  6.959   14.265  1.00 23.42 ? 70  ALA X CB  1 
ATOM   586 N N   . GLY A 1 71 ? -7.161  9.142   12.467  1.00 23.07 ? 71  GLY X N   1 
ATOM   587 C CA  . GLY A 1 71 ? -7.742  10.465  12.424  1.00 23.29 ? 71  GLY X CA  1 
ATOM   588 C C   . GLY A 1 71 ? -8.236  10.759  11.029  1.00 23.41 ? 71  GLY X C   1 
ATOM   589 O O   . GLY A 1 71 ? -8.353  9.841   10.192  1.00 24.66 ? 71  GLY X O   1 
ATOM   590 N N   . GLN A 1 72 ? -8.536  12.034  10.767  1.00 21.55 ? 72  GLN X N   1 
ATOM   591 C CA  . GLN A 1 72 ? -9.149  12.419  9.504   1.00 20.86 ? 72  GLN X CA  1 
ATOM   592 C C   . GLN A 1 72 ? -8.089  12.494  8.418   1.00 19.28 ? 72  GLN X C   1 
ATOM   593 O O   . GLN A 1 72 ? -7.139  13.257  8.558   1.00 19.78 ? 72  GLN X O   1 
ATOM   594 C CB  . GLN A 1 72 ? -9.791  13.809  9.636   1.00 21.46 ? 72  GLN X CB  1 
ATOM   595 C CG  . GLN A 1 72 ? -10.568 14.269  8.379   1.00 23.24 ? 72  GLN X CG  1 
ATOM   596 C CD  . GLN A 1 72 ? -11.698 13.310  7.985   1.00 27.60 ? 72  GLN X CD  1 
ATOM   597 O OE1 . GLN A 1 72 ? -12.634 13.090  8.772   1.00 29.83 ? 72  GLN X OE1 1 
ATOM   598 N NE2 . GLN A 1 72 ? -11.622 12.743  6.781   1.00 26.88 ? 72  GLN X NE2 1 
ATOM   599 N N   . VAL A 1 73 ? -8.259  11.709  7.359   1.00 17.73 ? 73  VAL X N   1 
ATOM   600 C CA  . VAL A 1 73 ? -7.431  11.888  6.147   1.00 16.67 ? 73  VAL X CA  1 
ATOM   601 C C   . VAL A 1 73 ? -7.913  13.139  5.405   1.00 16.90 ? 73  VAL X C   1 
ATOM   602 O O   . VAL A 1 73 ? -9.118  13.355  5.253   1.00 18.00 ? 73  VAL X O   1 
ATOM   603 C CB  . VAL A 1 73 ? -7.530  10.664  5.185   1.00 16.13 ? 73  VAL X CB  1 
ATOM   604 C CG1 . VAL A 1 73 ? -6.730  10.901  3.914   1.00 15.68 ? 73  VAL X CG1 1 
ATOM   605 C CG2 . VAL A 1 73 ? -7.091  9.396   5.882   1.00 16.43 ? 73  VAL X CG2 1 
ATOM   606 N N   . GLU A 1 74 ? -6.977  13.959  4.926   1.00 16.47 ? 74  GLU X N   1 
ATOM   607 C CA  . GLU A 1 74 ? -7.297  15.188  4.211   1.00 16.21 ? 74  GLU X CA  1 
ATOM   608 C C   . GLU A 1 74 ? -6.853  15.080  2.761   1.00 17.01 ? 74  GLU X C   1 
ATOM   609 O O   . GLU A 1 74 ? -5.786  14.548  2.475   1.00 15.96 ? 74  GLU X O   1 
ATOM   610 C CB  . GLU A 1 74 ? -6.651  16.366  4.939   1.00 17.98 ? 74  GLU X CB  1 
ATOM   611 C CG  . GLU A 1 74 ? -7.182  16.431  6.366   1.00 21.13 ? 74  GLU X CG  1 
ATOM   612 C CD  . GLU A 1 74 ? -6.896  17.734  7.070   1.00 23.90 ? 74  GLU X CD  1 
ATOM   613 O OE1 . GLU A 1 74 ? -6.819  18.759  6.396   1.00 26.23 ? 74  GLU X OE1 1 
ATOM   614 O OE2 . GLU A 1 74 ? -6.769  17.714  8.299   1.00 27.75 ? 74  GLU X OE2 1 
ATOM   615 N N   . VAL A 1 75 ? -7.708  15.524  1.847   1.00 16.20 ? 75  VAL X N   1 
ATOM   616 C CA  . VAL A 1 75 ? -7.441  15.371  0.414   1.00 16.44 ? 75  VAL X CA  1 
ATOM   617 C C   . VAL A 1 75 ? -7.597  16.709  -0.222  1.00 17.51 ? 75  VAL X C   1 
ATOM   618 O O   . VAL A 1 75 ? -8.650  17.355  -0.083  1.00 19.60 ? 75  VAL X O   1 
ATOM   619 C CB  . VAL A 1 75 ? -8.386  14.336  -0.293  1.00 16.77 ? 75  VAL X CB  1 
ATOM   620 C CG1 . VAL A 1 75 ? -8.018  14.174  -1.758  1.00 17.72 ? 75  VAL X CG1 1 
ATOM   621 C CG2 . VAL A 1 75 ? -8.281  13.004  0.396   1.00 18.12 ? 75  VAL X CG2 1 
ATOM   622 N N   . LEU A 1 76 ? -6.564  17.133  -0.937  1.00 16.60 ? 76  LEU X N   1 
ATOM   623 C CA  . LEU A 1 76 ? -6.638  18.342  -1.738  1.00 17.14 ? 76  LEU X CA  1 
ATOM   624 C C   . LEU A 1 76 ? -6.519  17.928  -3.179  1.00 17.38 ? 76  LEU X C   1 
ATOM   625 O O   . LEU A 1 76 ? -5.697  17.077  -3.515  1.00 17.35 ? 76  LEU X O   1 
ATOM   626 C CB  . LEU A 1 76 ? -5.511  19.316  -1.387  1.00 15.93 ? 76  LEU X CB  1 
ATOM   627 C CG  . LEU A 1 76 ? -5.442  19.901  0.018   1.00 20.50 ? 76  LEU X CG  1 
ATOM   628 C CD1 . LEU A 1 76 ? -4.349  20.976  0.093   1.00 23.58 ? 76  LEU X CD1 1 
ATOM   629 C CD2 . LEU A 1 76 ? -6.748  20.530  0.345   1.00 23.47 ? 76  LEU X CD2 1 
ATOM   630 N N   . GLY A 1 77 ? -7.345  18.516  -4.044  1.00 18.41 ? 77  GLY X N   1 
ATOM   631 C CA  . GLY A 1 77 ? -7.262  18.209  -5.464  1.00 19.71 ? 77  GLY X CA  1 
ATOM   632 C C   . GLY A 1 77 ? -8.066  17.000  -5.875  1.00 21.29 ? 77  GLY X C   1 
ATOM   633 O O   . GLY A 1 77 ? -9.118  16.677  -5.273  1.00 21.84 ? 77  GLY X O   1 
ATOM   634 N N   . VAL A 1 78 ? -7.582  16.327  -6.916  1.00 22.47 ? 78  VAL X N   1 
ATOM   635 C CA  . VAL A 1 78 ? -8.295  15.195  -7.505  1.00 24.68 ? 78  VAL X CA  1 
ATOM   636 C C   . VAL A 1 78 ? -8.119  13.959  -6.642  1.00 25.57 ? 78  VAL X C   1 
ATOM   637 O O   . VAL A 1 78 ? -7.286  13.922  -5.724  1.00 27.63 ? 78  VAL X O   1 
ATOM   638 C CB  . VAL A 1 78 ? -7.792  14.853  -8.947  1.00 24.69 ? 78  VAL X CB  1 
ATOM   639 C CG1 . VAL A 1 78 ? -7.909  16.028  -9.866  1.00 28.07 ? 78  VAL X CG1 1 
ATOM   640 C CG2 . VAL A 1 78 ? -6.376  14.293  -8.932  1.00 24.91 ? 78  VAL X CG2 1 
ATOM   641 N N   . GLY A 1 79 ? -8.866  12.924  -6.969  1.00 26.81 ? 79  GLY X N   1 
ATOM   642 C CA  . GLY A 1 79 ? -8.615  11.652  -6.330  1.00 26.23 ? 79  GLY X CA  1 
ATOM   643 C C   . GLY A 1 79 ? -9.714  11.354  -5.343  1.00 25.75 ? 79  GLY X C   1 
ATOM   644 O O   . GLY A 1 79 ? -10.539 12.225  -5.013  1.00 26.55 ? 79  GLY X O   1 
ATOM   645 N N   . PRO A 1 80 ? -9.704  10.125  -4.843  1.00 24.63 ? 80  PRO X N   1 
ATOM   646 C CA  . PRO A 1 80 ? -10.833 9.586   -4.088  1.00 24.91 ? 80  PRO X CA  1 
ATOM   647 C C   . PRO A 1 80 ? -11.091 10.386  -2.824  1.00 24.36 ? 80  PRO X C   1 
ATOM   648 O O   . PRO A 1 80 ? -10.180 10.725  -2.075  1.00 22.38 ? 80  PRO X O   1 
ATOM   649 C CB  . PRO A 1 80 ? -10.369 8.166   -3.727  1.00 24.90 ? 80  PRO X CB  1 
ATOM   650 C CG  . PRO A 1 80 ? -9.277  7.882   -4.611  1.00 25.34 ? 80  PRO X CG  1 
ATOM   651 C CD  . PRO A 1 80 ? -8.603  9.155   -4.948  1.00 24.86 ? 80  PRO X CD  1 
ATOM   652 N N   . LEU A 1 81 ? -12.362 10.665  -2.564  1.00 24.51 ? 81  LEU X N   1 
ATOM   653 C CA  . LEU A 1 81 ? -12.730 11.350  -1.338  1.00 24.87 ? 81  LEU X CA  1 
ATOM   654 C C   . LEU A 1 81 ? -12.438 10.470  -0.116  1.00 25.29 ? 81  LEU X C   1 
ATOM   655 O O   . LEU A 1 81 ? -12.594 9.247   -0.176  1.00 24.97 ? 81  LEU X O   1 
ATOM   656 C CB  . LEU A 1 81 ? -14.213 11.728  -1.384  1.00 25.86 ? 81  LEU X CB  1 
ATOM   657 C CG  . LEU A 1 81 ? -14.568 12.663  -2.536  1.00 27.10 ? 81  LEU X CG  1 
ATOM   658 C CD1 . LEU A 1 81 ? -16.105 12.716  -2.748  1.00 29.60 ? 81  LEU X CD1 1 
ATOM   659 C CD2 . LEU A 1 81 ? -13.977 14.039  -2.263  1.00 26.41 ? 81  LEU X CD2 1 
ATOM   660 N N   . PRO A 1 82 ? -12.008 11.079  0.986   1.00 25.05 ? 82  PRO X N   1 
ATOM   661 C CA  . PRO A 1 82 ? -11.740 10.321  2.215   1.00 25.70 ? 82  PRO X CA  1 
ATOM   662 C C   . PRO A 1 82 ? -13.028 9.990   2.950   1.00 26.56 ? 82  PRO X C   1 
ATOM   663 O O   . PRO A 1 82 ? -14.050 10.613  2.647   1.00 27.05 ? 82  PRO X O   1 
ATOM   664 C CB  . PRO A 1 82 ? -10.922 11.310  3.062   1.00 25.21 ? 82  PRO X CB  1 
ATOM   665 C CG  . PRO A 1 82 ? -11.350 12.660  2.592   1.00 24.62 ? 82  PRO X CG  1 
ATOM   666 C CD  . PRO A 1 82 ? -11.771 12.525  1.158   1.00 25.65 ? 82  PRO X CD  1 
ATOM   667 N N   . GLU A 1 83 ? -12.986 9.035   3.877   1.00 27.21 ? 83  GLU X N   1 
ATOM   668 C CA  . GLU A 1 83 ? -14.079 8.901   4.847   1.00 29.18 ? 83  GLU X CA  1 
ATOM   669 C C   . GLU A 1 83 ? -14.187 10.183  5.689   1.00 29.35 ? 83  GLU X C   1 
ATOM   670 O O   . GLU A 1 83 ? -13.236 10.545  6.401   1.00 30.00 ? 83  GLU X O   1 
ATOM   671 C CB  . GLU A 1 83 ? -13.836 7.718   5.767   1.00 29.26 ? 83  GLU X CB  1 
ATOM   672 C CG  . GLU A 1 83 ? -15.104 7.170   6.399   1.00 31.71 ? 83  GLU X CG  1 
ATOM   673 C CD  . GLU A 1 83 ? -14.832 5.887   7.156   1.00 36.12 ? 83  GLU X CD  1 
ATOM   674 O OE1 . GLU A 1 83 ? -15.730 5.027   7.227   1.00 38.60 ? 83  GLU X OE1 1 
ATOM   675 O OE2 . GLU A 1 83 ? -13.713 5.737   7.688   1.00 36.77 ? 83  GLU X OE2 1 
HETATM 676 O O   . HOH B 2 .  ? 8.731   -0.886  -19.147 1.00 17.23 ? 91  HOH X O   1 
HETATM 677 O O   . HOH B 2 .  ? 1.486   1.345   -9.556  1.00 15.85 ? 92  HOH X O   1 
HETATM 678 O O   . HOH B 2 .  ? 10.421  -4.066  -15.973 1.00 18.53 ? 93  HOH X O   1 
HETATM 679 O O   . HOH B 2 .  ? 6.825   3.352   -7.698  1.00 17.70 ? 94  HOH X O   1 
HETATM 680 O O   . HOH B 2 .  ? 6.010   -12.545 10.917  1.00 19.93 ? 95  HOH X O   1 
HETATM 681 O O   . HOH B 2 .  ? -8.909  -2.605  2.523   1.00 20.50 ? 96  HOH X O   1 
HETATM 682 O O   . HOH B 2 .  ? 13.102  2.995   -4.186  1.00 20.18 ? 97  HOH X O   1 
HETATM 683 O O   . HOH B 2 .  ? -0.489  -13.591 8.429   1.00 24.41 ? 98  HOH X O   1 
HETATM 684 O O   . HOH B 2 .  ? 11.504  -7.353  -12.792 1.00 24.03 ? 99  HOH X O   1 
HETATM 685 O O   . HOH B 2 .  ? -9.220  -4.223  -5.092  1.00 22.33 ? 100 HOH X O   1 
HETATM 686 O O   . HOH B 2 .  ? -9.305  -0.172  1.156   1.00 21.95 ? 101 HOH X O   1 
HETATM 687 O O   . HOH B 2 .  ? 11.041  4.201   2.195   1.00 21.72 ? 102 HOH X O   1 
HETATM 688 O O   . HOH B 2 .  ? 8.159   -13.898 2.345   1.00 20.91 ? 103 HOH X O   1 
HETATM 689 O O   . HOH B 2 .  ? 1.399   -9.860  -7.685  1.00 21.86 ? 104 HOH X O   1 
HETATM 690 O O   . HOH B 2 .  ? -10.339 16.525  2.667   1.00 21.56 ? 105 HOH X O   1 
HETATM 691 O O   . HOH B 2 .  ? 13.362  -7.668  -10.809 1.00 24.87 ? 106 HOH X O   1 
HETATM 692 O O   . HOH B 2 .  ? 1.527   8.728   -5.391  1.00 31.48 ? 107 HOH X O   1 
HETATM 693 O O   . HOH B 2 .  ? 9.625   -9.445  -8.493  1.00 31.29 ? 108 HOH X O   1 
HETATM 694 O O   . HOH B 2 .  ? -11.118 15.429  5.115   1.00 30.29 ? 109 HOH X O   1 
HETATM 695 O O   . HOH B 2 .  ? 9.410   -9.114  -11.254 1.00 28.75 ? 110 HOH X O   1 
HETATM 696 O O   . HOH B 2 .  ? 11.478  -0.612  -15.646 1.00 23.61 ? 111 HOH X O   1 
HETATM 697 O O   . HOH B 2 .  ? 9.803   3.033   -16.049 1.00 30.84 ? 112 HOH X O   1 
HETATM 698 O O   . HOH B 2 .  ? -8.189  -5.836  3.181   1.00 31.93 ? 113 HOH X O   1 
HETATM 699 O O   . HOH B 2 .  ? -10.371 4.399   2.363   1.00 34.79 ? 114 HOH X O   1 
HETATM 700 O O   . HOH B 2 .  ? -10.666 14.781  -4.117  1.00 30.47 ? 115 HOH X O   1 
HETATM 701 O O   . HOH B 2 .  ? -5.132  -10.311 13.178  1.00 28.65 ? 116 HOH X O   1 
HETATM 702 O O   . HOH B 2 .  ? -9.335  8.050   2.268   1.00 28.69 ? 117 HOH X O   1 
HETATM 703 O O   . HOH B 2 .  ? 1.414   -7.738  11.630  1.00 37.41 ? 118 HOH X O   1 
HETATM 704 O O   . HOH B 2 .  ? 4.396   4.552   -8.576  1.00 30.50 ? 119 HOH X O   1 
HETATM 705 O O   . HOH B 2 .  ? -5.425  0.737   -10.138 1.00 29.70 ? 120 HOH X O   1 
HETATM 706 O O   . HOH B 2 .  ? -9.539  4.225   -0.170  1.00 34.59 ? 121 HOH X O   1 
HETATM 707 O O   . HOH B 2 .  ? 0.189   -1.637  13.064  1.00 27.69 ? 122 HOH X O   1 
HETATM 708 O O   . HOH B 2 .  ? 6.684   7.142   -6.276  1.00 32.36 ? 123 HOH X O   1 
HETATM 709 O O   . HOH B 2 .  ? -9.652  19.805  -3.111  1.00 32.32 ? 124 HOH X O   1 
HETATM 710 O O   . HOH B 2 .  ? 16.059  -3.828  -11.263 1.00 31.07 ? 125 HOH X O   1 
HETATM 711 O O   . HOH B 2 .  ? 16.352  2.681   -6.022  1.00 39.48 ? 126 HOH X O   1 
HETATM 712 O O   . HOH B 2 .  ? -6.063  15.514  9.798   1.00 33.27 ? 127 HOH X O   1 
HETATM 713 O O   . HOH B 2 .  ? 3.152   -14.544 13.263  1.00 34.37 ? 128 HOH X O   1 
HETATM 714 O O   . HOH B 2 .  ? -8.749  19.211  4.893   1.00 29.47 ? 129 HOH X O   1 
HETATM 715 O O   . HOH B 2 .  ? 8.885   -8.011  -17.670 1.00 33.65 ? 130 HOH X O   1 
HETATM 716 O O   . HOH B 2 .  ? 2.611   3.579   -10.617 1.00 35.27 ? 131 HOH X O   1 
HETATM 717 O O   . HOH B 2 .  ? -2.655  -0.978  -11.076 1.00 32.68 ? 132 HOH X O   1 
HETATM 718 O O   . HOH B 2 .  ? -0.854  -4.069  -11.659 1.00 29.60 ? 133 HOH X O   1 
HETATM 719 O O   . HOH B 2 .  ? 2.659   -14.725 -2.840  1.00 31.69 ? 134 HOH X O   1 
HETATM 720 O O   . HOH B 2 .  ? 11.714  7.939   8.234   1.00 37.43 ? 135 HOH X O   1 
HETATM 721 O O   . HOH B 2 .  ? -5.451  10.684  -6.617  1.00 32.69 ? 136 HOH X O   1 
HETATM 722 O O   . HOH B 2 .  ? -11.721 4.163   8.615   1.00 40.02 ? 137 HOH X O   1 
HETATM 723 O O   . HOH B 2 .  ? -8.872  -8.485  13.889  1.00 32.54 ? 138 HOH X O   1 
HETATM 724 O O   . HOH B 2 .  ? -5.351  -8.414  -7.609  1.00 40.56 ? 139 HOH X O   1 
HETATM 725 O O   . HOH B 2 .  ? 14.435  -1.896  -14.428 1.00 37.03 ? 140 HOH X O   1 
HETATM 726 O O   . HOH B 2 .  ? -14.261 9.725   -4.407  1.00 31.98 ? 141 HOH X O   1 
HETATM 727 O O   . HOH B 2 .  ? -15.913 -2.779  10.223  1.00 38.80 ? 142 HOH X O   1 
HETATM 728 O O   . HOH B 2 .  ? -1.070  -15.661 1.716   1.00 40.93 ? 143 HOH X O   1 
HETATM 729 O O   . HOH B 2 .  ? -9.654  -7.812  0.324   1.00 37.91 ? 144 HOH X O   1 
HETATM 730 O O   . HOH B 2 .  ? 13.199  5.050   -2.232  1.00 33.83 ? 145 HOH X O   1 
HETATM 731 O O   . HOH B 2 .  ? -9.324  5.410   10.057  1.00 40.28 ? 146 HOH X O   1 
HETATM 732 O O   . HOH B 2 .  ? 17.529  -3.894  2.144   1.00 65.93 ? 147 HOH X O   1 
HETATM 733 O O   . HOH B 2 .  ? 3.397   -9.364  12.605  1.00 36.35 ? 148 HOH X O   1 
HETATM 734 O O   . HOH B 2 .  ? -3.743  -9.790  -5.900  1.00 39.28 ? 149 HOH X O   1 
HETATM 735 O O   . HOH B 2 .  ? -0.315  -1.359  -12.531 1.00 22.47 ? 150 HOH X O   1 
HETATM 736 O O   . HOH B 2 .  ? 12.831  -9.181  2.166   1.00 26.10 ? 151 HOH X O   1 
HETATM 737 O O   . HOH B 2 .  ? 12.221  -8.662  -0.345  1.00 28.36 ? 152 HOH X O   1 
HETATM 738 O O   . HOH B 2 .  ? 14.639  -8.271  -1.435  1.00 29.03 ? 153 HOH X O   1 
HETATM 739 O O   . HOH B 2 .  ? 15.730  -8.448  0.795   1.00 38.31 ? 154 HOH X O   1 
HETATM 740 O O   . HOH B 2 .  ? -7.833  -8.274  2.649   1.00 30.23 ? 155 HOH X O   1 
HETATM 741 O O   . HOH B 2 .  ? -11.022 5.053   4.599   1.00 42.77 ? 156 HOH X O   1 
HETATM 742 O O   . HOH B 2 .  ? -12.294 15.799  0.633   1.00 32.66 ? 157 HOH X O   1 
HETATM 743 O O   . HOH B 2 .  ? -8.556  -10.637 -2.290  1.00 32.72 ? 158 HOH X O   1 
HETATM 744 O O   . HOH B 2 .  ? -5.368  -11.922 -0.029  1.00 40.19 ? 159 HOH X O   1 
HETATM 745 O O   . HOH B 2 .  ? -11.215 17.438  6.635   1.00 39.91 ? 160 HOH X O   1 
HETATM 746 O O   . HOH B 2 .  ? 7.745   -6.595  11.283  1.00 29.35 ? 161 HOH X O   1 
HETATM 747 O O   . HOH B 2 .  ? 4.049   -12.264 -3.684  1.00 25.02 ? 162 HOH X O   1 
HETATM 748 O O   . HOH B 2 .  ? -10.405 7.837   4.689   1.00 23.33 ? 163 HOH X O   1 
HETATM 749 O O   . HOH B 2 .  ? -10.500 9.682   7.122   1.00 25.99 ? 164 HOH X O   1 
HETATM 750 O O   . HOH B 2 .  ? -8.872  7.566   8.981   1.00 28.41 ? 165 HOH X O   1 
HETATM 751 O O   . HOH B 2 .  ? -9.277  6.831   12.524  1.00 33.60 ? 166 HOH X O   1 
HETATM 752 O O   . HOH B 2 .  ? 5.064   5.401   -10.940 1.00 43.00 ? 167 HOH X O   1 
HETATM 753 O O   . HOH B 2 .  ? -0.557  -4.457  17.314  1.00 48.52 ? 168 HOH X O   1 
HETATM 754 O O   . HOH B 2 .  ? -14.578 7.782   -1.246  1.00 31.76 ? 169 HOH X O   1 
HETATM 755 O O   . HOH B 2 .  ? 13.756  4.803   -6.346  1.00 36.39 ? 170 HOH X O   1 
HETATM 756 O O   . HOH B 2 .  ? -1.128  -10.729 -7.209  1.00 41.35 ? 171 HOH X O   1 
HETATM 757 O O   . HOH B 2 .  ? 15.168  -0.190  -17.018 1.00 47.73 ? 172 HOH X O   1 
HETATM 758 O O   . HOH B 2 .  ? -8.229  -8.522  -6.765  1.00 42.55 ? 173 HOH X O   1 
HETATM 759 O O   . HOH B 2 .  ? 6.048   -6.889  13.351  1.00 40.85 ? 174 HOH X O   1 
HETATM 760 O O   . HOH B 2 .  ? 1.141   -9.436  -11.783 1.00 38.71 ? 175 HOH X O   1 
HETATM 761 O O   . HOH B 2 .  ? -12.132 -2.155  13.080  1.00 44.18 ? 176 HOH X O   1 
HETATM 762 O O   . HOH B 2 .  ? 17.314  1.443   -8.821  1.00 43.27 ? 177 HOH X O   1 
HETATM 763 O O   . HOH B 2 .  ? 16.195  -7.970  -8.643  1.00 39.97 ? 178 HOH X O   1 
HETATM 764 O O   . HOH B 2 .  ? -6.951  -10.736 1.724   1.00 44.75 ? 179 HOH X O   1 
HETATM 765 O O   . HOH B 2 .  ? -7.579  3.531   11.176  1.00 33.38 ? 180 HOH X O   1 
HETATM 766 O O   . HOH B 2 .  ? -4.907  -7.010  14.776  1.00 34.40 ? 181 HOH X O   1 
HETATM 767 O O   . HOH B 2 .  ? 14.896  -0.018  -12.576 1.00 45.16 ? 182 HOH X O   1 
HETATM 768 O O   . HOH B 2 .  ? 6.771   5.385   -12.917 1.00 47.36 ? 183 HOH X O   1 
HETATM 769 O O   . HOH B 2 .  ? -9.814  2.837   10.513  1.00 42.64 ? 184 HOH X O   1 
HETATM 770 O O   . HOH B 2 .  ? -7.791  19.518  9.998   1.00 37.24 ? 185 HOH X O   1 
HETATM 771 O O   . HOH B 2 .  ? 2.137   -11.615 -5.262  1.00 38.41 ? 186 HOH X O   1 
HETATM 772 O O   . HOH B 2 .  ? 11.344  4.389   -12.816 1.00 57.45 ? 187 HOH X O   1 
HETATM 773 O O   . HOH B 2 .  ? -11.492 -5.144  13.646  1.00 41.24 ? 188 HOH X O   1 
HETATM 774 O O   . HOH B 2 .  ? 7.148   -11.734 -14.852 1.00 47.37 ? 189 HOH X O   1 
HETATM 775 O O   . HOH B 2 .  ? -7.101  -7.831  15.343  1.00 54.94 ? 190 HOH X O   1 
HETATM 776 O O   . HOH B 2 .  ? 17.086  -8.177  -4.224  1.00 30.42 ? 191 HOH X O   1 
HETATM 777 O O   . HOH B 2 .  ? 2.437   9.496   -3.472  1.00 33.05 ? 192 HOH X O   1 
HETATM 778 O O   . HOH B 2 .  ? 8.515   -12.092 -8.499  1.00 36.93 ? 193 HOH X O   1 
HETATM 779 O O   . HOH B 2 .  ? -9.472  19.169  2.293   1.00 46.35 ? 194 HOH X O   1 
HETATM 780 O O   . HOH B 2 .  ? 8.575   5.390   -8.423  1.00 45.79 ? 195 HOH X O   1 
HETATM 781 O O   . HOH B 2 .  ? 13.054  7.878   -5.286  1.00 46.74 ? 196 HOH X O   1 
HETATM 782 O O   . HOH B 2 .  ? 13.261  -5.688  -15.606 1.00 44.89 ? 197 HOH X O   1 
HETATM 783 O O   . HOH B 2 .  ? -12.853 14.632  -5.663  1.00 53.28 ? 198 HOH X O   1 
HETATM 784 O O   . HOH B 2 .  ? -3.303  -3.472  -10.074 1.00 39.67 ? 199 HOH X O   1 
HETATM 785 O O   . HOH B 2 .  ? -2.964  -15.751 0.201   1.00 36.63 ? 200 HOH X O   1 
HETATM 786 O O   . HOH B 2 .  ? 17.414  -7.801  -1.708  1.00 52.19 ? 201 HOH X O   1 
HETATM 787 O O   . HOH B 2 .  ? -4.517  -3.344  13.969  1.00 59.35 ? 202 HOH X O   1 
HETATM 788 O O   . HOH B 2 .  ? 7.310   -10.541 -17.279 1.00 37.49 ? 203 HOH X O   1 
HETATM 789 O O   . HOH B 2 .  ? 11.891  -8.195  -15.278 1.00 41.12 ? 204 HOH X O   1 
HETATM 790 O O   . HOH B 2 .  ? -7.227  13.882  12.886  1.00 43.97 ? 205 HOH X O   1 
HETATM 791 O O   . HOH B 2 .  ? -6.772  6.771   -8.089  1.00 49.45 ? 206 HOH X O   1 
HETATM 792 O O   . HOH B 2 .  ? -4.424  6.974   -9.195  1.00 33.72 ? 207 HOH X O   1 
HETATM 793 O O   . HOH B 2 .  ? -17.621 4.846   5.741   1.00 34.89 ? 208 HOH X O   1 
HETATM 794 O O   . HOH B 2 .  ? -1.741  1.002   14.806  1.00 50.38 ? 209 HOH X O   1 
HETATM 795 O O   . HOH B 2 .  ? 16.065  -7.277  -11.619 1.00 52.06 ? 210 HOH X O   1 
HETATM 796 O O   . HOH B 2 .  ? 11.602  -6.103  8.255   1.00 39.86 ? 211 HOH X O   1 
HETATM 797 O O   . HOH B 2 .  ? -11.290 15.284  -8.748  1.00 48.90 ? 212 HOH X O   1 
HETATM 798 O O   . HOH B 2 .  ? -11.170 -7.350  12.591  1.00 46.41 ? 213 HOH X O   1 
HETATM 799 O O   . HOH B 2 .  ? 11.763  4.535   -8.101  1.00 35.69 ? 214 HOH X O   1 
HETATM 800 O O   . HOH B 2 .  ? -16.515 9.869   0.915   1.00 39.75 ? 215 HOH X O   1 
HETATM 801 O O   . HOH B 2 .  ? 15.589  2.466   -13.768 1.00 41.42 ? 216 HOH X O   1 
HETATM 802 O O   . HOH B 2 .  ? -9.966  17.178  8.782   1.00 40.90 ? 217 HOH X O   1 
HETATM 803 O O   . HOH B 2 .  ? -15.889 11.057  8.291   1.00 51.61 ? 218 HOH X O   1 
HETATM 804 O O   . HOH B 2 .  ? 19.987  -4.434  -6.759  1.00 48.42 ? 219 HOH X O   1 
# 
